data_7WAS
#
_entry.id   7WAS
#
_cell.length_a   96.469
_cell.length_b   96.469
_cell.length_c   169.430
_cell.angle_alpha   90.000
_cell.angle_beta   90.000
_cell.angle_gamma   120.000
#
_symmetry.space_group_name_H-M   'P 31 2 1'
#
loop_
_entity.id
_entity.type
_entity.pdbx_description
1 polymer 'stilbene O-methyltransferase'
2 non-polymer Pterostilbene
3 non-polymer NICOTINAMIDE-ADENINE-DINUCLEOTIDE
4 non-polymer GLYCEROL
5 non-polymer 'TETRAETHYLENE GLYCOL'
6 non-polymer DI(HYDROXYETHYL)ETHER
7 non-polymer 1,2-ETHANEDIOL
8 water water
#
_entity_poly.entity_id   1
_entity_poly.type   'polypeptide(L)'
_entity_poly.pdbx_seq_one_letter_code
;GSYDSSSSSSNDSSARNEEDESCMFALKLLGGFAVPFTIKAVIELGVMDQLLTAERAMSAEELVAAAVAAQLPRPEVACT
MVDRLLRFLASHSVVRCTTEVVVGTDDATTTTCCRRSYAASPVCKWFARNGVEDSVLPLGMMILNKTFLDSWQNITDAVL
EGAAPFEKTYGMPMFEYLSTNGPLNTVFHEAMANHSMIITKKLLKFFRGFEGLDVLVDVGGGNGTTLQMIRGQYKNMRGI
NYDLPHVIAQAAPVEGVEHVGGSMFDNIPRGNAVLLKWILHDWDDKACIKILKNCYTALHVRGKVIVLEYVVPDEPEPTL
AAQGAFELDLTMLVTFGSGKERTQREFSELAMEAGFSREFKATYIFANVWALEFTK
;
_entity_poly.pdbx_strand_id   A,B
#
loop_
_chem_comp.id
_chem_comp.type
_chem_comp.name
_chem_comp.formula
3RL non-polymer Pterostilbene 'C16 H16 O3'
EDO non-polymer 1,2-ETHANEDIOL 'C2 H6 O2'
GOL non-polymer GLYCEROL 'C3 H8 O3'
NAD non-polymer NICOTINAMIDE-ADENINE-DINUCLEOTIDE 'C21 H27 N7 O14 P2'
PEG non-polymer DI(HYDROXYETHYL)ETHER 'C4 H10 O3'
PG4 non-polymer 'TETRAETHYLENE GLYCOL' 'C8 H18 O5'
#
# COMPACT_ATOMS: atom_id res chain seq x y z
N SER A 14 -21.43 -6.69 23.65
CA SER A 14 -21.28 -6.20 22.25
C SER A 14 -19.83 -6.38 21.76
N ALA A 15 -19.27 -7.58 21.99
CA ALA A 15 -17.85 -7.85 21.77
C ALA A 15 -17.63 -8.69 20.50
N ARG A 16 -18.70 -9.20 19.83
CA ARG A 16 -18.61 -9.71 18.45
C ARG A 16 -18.26 -8.58 17.48
N ASN A 17 -19.00 -7.44 17.55
CA ASN A 17 -18.74 -6.20 16.85
C ASN A 17 -17.27 -5.86 16.95
N GLU A 18 -16.69 -5.91 18.17
CA GLU A 18 -15.31 -5.51 18.42
C GLU A 18 -14.33 -6.48 17.71
N GLU A 19 -14.53 -7.80 17.87
CA GLU A 19 -13.68 -8.83 17.29
C GLU A 19 -13.69 -8.67 15.75
N ASP A 20 -14.87 -8.43 15.19
CA ASP A 20 -15.12 -8.24 13.74
C ASP A 20 -14.43 -6.97 13.20
N GLU A 21 -14.59 -5.85 13.89
CA GLU A 21 -14.02 -4.56 13.55
C GLU A 21 -12.48 -4.62 13.58
N SER A 22 -11.97 -5.26 14.59
CA SER A 22 -10.55 -5.44 14.77
C SER A 22 -9.97 -6.25 13.63
N CYS A 23 -10.69 -7.30 13.23
CA CYS A 23 -10.26 -8.26 12.19
C CYS A 23 -10.21 -7.53 10.86
N MET A 24 -11.23 -6.75 10.60
CA MET A 24 -11.31 -5.95 9.38
C MET A 24 -10.26 -4.86 9.35
N PHE A 25 -9.93 -4.29 10.50
CA PHE A 25 -8.90 -3.27 10.59
C PHE A 25 -7.56 -3.91 10.28
N ALA A 26 -7.30 -5.10 10.81
CA ALA A 26 -6.06 -5.85 10.47
C ALA A 26 -5.92 -6.07 8.95
N LEU A 27 -7.01 -6.48 8.26
CA LEU A 27 -7.05 -6.73 6.81
C LEU A 27 -6.83 -5.40 6.08
N LYS A 28 -7.44 -4.30 6.58
CA LYS A 28 -7.23 -2.98 5.94
C LYS A 28 -5.75 -2.62 5.94
N LEU A 29 -5.09 -2.79 7.11
CA LEU A 29 -3.66 -2.53 7.35
C LEU A 29 -2.81 -3.33 6.37
N LEU A 30 -3.10 -4.62 6.16
CA LEU A 30 -2.27 -5.44 5.28
C LEU A 30 -2.53 -5.17 3.78
N GLY A 31 -3.70 -4.59 3.48
CA GLY A 31 -4.12 -4.38 2.10
C GLY A 31 -3.97 -2.96 1.55
N GLY A 32 -3.17 -2.12 2.25
CA GLY A 32 -3.08 -0.71 1.92
C GLY A 32 -2.31 -0.41 0.66
N PHE A 33 -1.63 -1.42 0.07
CA PHE A 33 -1.01 -1.30 -1.25
C PHE A 33 -2.06 -1.20 -2.39
N ALA A 34 -3.31 -1.64 -2.19
CA ALA A 34 -4.25 -1.71 -3.30
C ALA A 34 -4.54 -0.34 -3.91
N VAL A 35 -4.72 0.67 -3.05
CA VAL A 35 -5.00 2.06 -3.44
C VAL A 35 -3.92 2.59 -4.36
N PRO A 36 -2.63 2.72 -3.90
CA PRO A 36 -1.57 3.23 -4.76
C PRO A 36 -1.55 2.54 -6.11
N PHE A 37 -1.73 1.22 -6.16
CA PHE A 37 -1.56 0.44 -7.38
C PHE A 37 -2.72 0.67 -8.32
N THR A 38 -3.92 0.82 -7.78
CA THR A 38 -5.13 1.17 -8.56
C THR A 38 -5.04 2.60 -9.13
N ILE A 39 -4.62 3.57 -8.33
CA ILE A 39 -4.30 4.89 -8.81
C ILE A 39 -3.33 4.85 -9.98
N LYS A 40 -2.17 4.22 -9.83
CA LYS A 40 -1.24 4.03 -10.95
C LYS A 40 -1.91 3.51 -12.24
N ALA A 41 -2.73 2.48 -12.18
CA ALA A 41 -3.45 1.92 -13.31
C ALA A 41 -4.36 2.95 -13.95
N VAL A 42 -5.12 3.69 -13.15
CA VAL A 42 -6.08 4.65 -13.68
C VAL A 42 -5.34 5.81 -14.36
N ILE A 43 -4.17 6.15 -13.85
CA ILE A 43 -3.35 7.17 -14.45
C ILE A 43 -2.74 6.66 -15.76
N GLU A 44 -2.04 5.51 -15.69
N GLU A 44 -2.05 5.52 -15.72
CA GLU A 44 -1.32 4.93 -16.84
CA GLU A 44 -1.31 5.06 -16.90
C GLU A 44 -2.29 4.67 -18.00
C GLU A 44 -2.28 4.62 -18.01
N LEU A 45 -3.54 4.34 -17.68
CA LEU A 45 -4.52 4.04 -18.71
C LEU A 45 -5.01 5.34 -19.37
N GLY A 46 -4.62 6.52 -18.85
CA GLY A 46 -5.12 7.79 -19.33
C GLY A 46 -6.51 8.19 -18.81
N VAL A 47 -7.12 7.32 -17.99
CA VAL A 47 -8.42 7.59 -17.40
C VAL A 47 -8.34 8.78 -16.44
N MET A 48 -7.23 8.94 -15.73
CA MET A 48 -7.16 10.03 -14.73
C MET A 48 -7.16 11.37 -15.45
N ASP A 49 -6.47 11.51 -16.57
CA ASP A 49 -6.46 12.79 -17.29
C ASP A 49 -7.83 13.10 -17.89
N GLN A 50 -8.58 12.12 -18.39
CA GLN A 50 -9.98 12.31 -18.79
C GLN A 50 -10.83 12.82 -17.65
N LEU A 51 -10.64 12.29 -16.42
CA LEU A 51 -11.39 12.80 -15.28
C LEU A 51 -11.11 14.28 -15.04
N LEU A 52 -9.83 14.64 -15.17
CA LEU A 52 -9.34 15.96 -14.81
C LEU A 52 -9.78 17.07 -15.80
N THR A 53 -10.11 16.72 -17.07
CA THR A 53 -10.52 17.67 -18.10
C THR A 53 -12.02 17.51 -18.41
N ALA A 54 -12.72 16.59 -17.77
CA ALA A 54 -14.12 16.35 -18.07
C ALA A 54 -14.96 17.50 -17.54
N GLU A 55 -16.10 17.74 -18.23
CA GLU A 55 -17.10 18.75 -17.89
C GLU A 55 -18.04 18.18 -16.80
N ARG A 56 -18.43 16.91 -16.96
CA ARG A 56 -19.38 16.26 -16.06
C ARG A 56 -18.85 14.87 -15.64
N ALA A 57 -19.63 14.18 -14.80
CA ALA A 57 -19.39 12.83 -14.40
C ALA A 57 -19.43 11.98 -15.66
N MET A 58 -18.50 11.01 -15.81
CA MET A 58 -18.50 10.12 -16.98
C MET A 58 -18.43 8.65 -16.52
N SER A 59 -19.02 7.77 -17.32
CA SER A 59 -19.05 6.34 -17.08
C SER A 59 -17.70 5.73 -17.43
N ALA A 60 -17.38 4.53 -16.90
CA ALA A 60 -16.12 3.90 -17.23
C ALA A 60 -16.04 3.81 -18.76
N GLU A 61 -17.15 3.45 -19.42
CA GLU A 61 -17.23 3.27 -20.87
C GLU A 61 -16.89 4.57 -21.64
N GLU A 62 -17.46 5.72 -21.23
CA GLU A 62 -17.06 7.00 -21.80
C GLU A 62 -15.61 7.31 -21.47
N LEU A 63 -15.10 6.85 -20.30
CA LEU A 63 -13.74 7.23 -19.87
C LEU A 63 -12.71 6.45 -20.68
N VAL A 64 -12.96 5.16 -20.87
CA VAL A 64 -12.16 4.31 -21.75
C VAL A 64 -12.25 4.76 -23.24
N ALA A 65 -13.41 5.16 -23.73
CA ALA A 65 -13.51 5.64 -25.10
C ALA A 65 -12.72 6.94 -25.29
N ALA A 66 -12.71 7.85 -24.30
CA ALA A 66 -11.95 9.09 -24.44
C ALA A 66 -10.44 8.90 -24.24
N ALA A 67 -10.03 7.93 -23.42
CA ALA A 67 -8.63 7.79 -23.00
C ALA A 67 -7.83 6.88 -23.92
N VAL A 68 -8.52 5.92 -24.55
CA VAL A 68 -7.87 4.93 -25.40
C VAL A 68 -8.24 5.24 -26.86
N ALA A 69 -7.21 5.58 -27.65
CA ALA A 69 -7.29 5.71 -29.10
C ALA A 69 -7.31 4.34 -29.76
N ALA A 70 -6.34 3.48 -29.36
CA ALA A 70 -6.20 2.12 -29.86
C ALA A 70 -7.55 1.40 -29.94
N GLN A 71 -7.64 0.41 -30.82
CA GLN A 71 -8.72 -0.57 -30.84
C GLN A 71 -8.30 -1.64 -29.83
N LEU A 72 -9.30 -2.15 -29.08
CA LEU A 72 -9.13 -3.08 -27.97
C LEU A 72 -9.73 -4.46 -28.31
N PRO A 73 -9.04 -5.58 -27.97
CA PRO A 73 -9.56 -6.90 -28.25
C PRO A 73 -10.87 -7.18 -27.51
N ARG A 74 -10.96 -6.82 -26.23
CA ARG A 74 -12.15 -7.15 -25.45
C ARG A 74 -12.64 -5.87 -24.77
N PRO A 75 -13.37 -4.99 -25.48
CA PRO A 75 -13.66 -3.65 -24.97
C PRO A 75 -14.66 -3.60 -23.81
N GLU A 76 -15.57 -4.56 -23.74
CA GLU A 76 -16.55 -4.64 -22.65
C GLU A 76 -15.83 -5.00 -21.36
N VAL A 77 -14.95 -6.00 -21.44
CA VAL A 77 -14.19 -6.46 -20.30
C VAL A 77 -13.31 -5.31 -19.77
N ALA A 78 -12.63 -4.57 -20.65
CA ALA A 78 -11.79 -3.43 -20.31
C ALA A 78 -12.56 -2.37 -19.52
N CYS A 79 -13.81 -2.11 -19.96
CA CYS A 79 -14.73 -1.13 -19.42
C CYS A 79 -15.15 -1.50 -18.00
N THR A 80 -15.55 -2.78 -17.78
CA THR A 80 -16.02 -3.28 -16.51
C THR A 80 -14.86 -3.38 -15.50
N MET A 81 -13.65 -3.60 -16.01
CA MET A 81 -12.48 -3.62 -15.17
C MET A 81 -12.20 -2.21 -14.67
N VAL A 82 -12.33 -1.20 -15.54
CA VAL A 82 -12.03 0.18 -15.17
C VAL A 82 -13.11 0.65 -14.19
N ASP A 83 -14.37 0.30 -14.45
CA ASP A 83 -15.47 0.50 -13.51
C ASP A 83 -15.10 -0.02 -12.12
N ARG A 84 -14.55 -1.24 -12.03
CA ARG A 84 -14.22 -1.85 -10.76
C ARG A 84 -13.10 -1.08 -10.09
N LEU A 85 -12.10 -0.61 -10.87
CA LEU A 85 -11.01 0.21 -10.33
C LEU A 85 -11.57 1.51 -9.74
N LEU A 86 -12.53 2.14 -10.47
CA LEU A 86 -13.03 3.46 -10.12
C LEU A 86 -13.99 3.38 -8.91
N ARG A 87 -14.76 2.31 -8.87
CA ARG A 87 -15.66 2.08 -7.77
C ARG A 87 -14.87 1.94 -6.49
N PHE A 88 -13.77 1.16 -6.51
CA PHE A 88 -12.86 1.05 -5.39
C PHE A 88 -12.26 2.41 -4.99
N LEU A 89 -11.77 3.21 -5.94
CA LEU A 89 -11.24 4.52 -5.63
C LEU A 89 -12.37 5.39 -5.08
N ALA A 90 -13.62 5.23 -5.54
CA ALA A 90 -14.75 6.00 -5.01
C ALA A 90 -15.02 5.62 -3.55
N SER A 91 -14.78 4.37 -3.14
CA SER A 91 -14.97 3.99 -1.76
C SER A 91 -13.91 4.62 -0.85
N HIS A 92 -12.76 5.01 -1.44
CA HIS A 92 -11.67 5.68 -0.73
C HIS A 92 -11.77 7.20 -0.88
N SER A 93 -12.84 7.69 -1.54
CA SER A 93 -13.11 9.13 -1.68
C SER A 93 -12.11 9.79 -2.63
N VAL A 94 -11.50 9.02 -3.51
CA VAL A 94 -10.53 9.53 -4.46
C VAL A 94 -11.23 10.05 -5.70
N VAL A 95 -12.38 9.46 -6.02
CA VAL A 95 -13.29 9.98 -7.06
C VAL A 95 -14.70 9.98 -6.50
N ARG A 96 -15.57 10.79 -7.08
CA ARG A 96 -17.01 10.86 -6.83
C ARG A 96 -17.76 9.92 -7.79
N CYS A 97 -18.80 9.30 -7.30
CA CYS A 97 -19.56 8.32 -8.04
C CYS A 97 -21.04 8.67 -7.90
N THR A 98 -21.77 8.69 -9.03
CA THR A 98 -23.23 8.72 -9.03
C THR A 98 -23.74 7.52 -9.81
N THR A 99 -24.87 6.98 -9.40
CA THR A 99 -25.48 5.82 -9.98
C THR A 99 -26.86 6.14 -10.54
N GLU A 100 -27.11 5.70 -11.76
CA GLU A 100 -28.35 5.97 -12.49
C GLU A 100 -28.87 4.69 -13.13
N VAL A 101 -30.19 4.44 -13.09
CA VAL A 101 -30.81 3.29 -13.77
C VAL A 101 -30.54 3.33 -15.27
N VAL A 102 -30.19 2.17 -15.84
CA VAL A 102 -30.08 2.03 -17.30
C VAL A 102 -31.42 1.58 -17.95
N VAL A 103 -31.98 2.49 -18.76
CA VAL A 103 -33.19 2.25 -19.54
C VAL A 103 -32.77 1.83 -20.96
N GLY A 104 -32.20 0.61 -21.04
CA GLY A 104 -31.66 0.05 -22.27
C GLY A 104 -31.08 -1.35 -22.00
N THR A 105 -29.84 -1.59 -22.49
CA THR A 105 -29.16 -2.88 -22.38
C THR A 105 -27.65 -2.65 -22.15
N ASP A 106 -27.12 -3.03 -20.96
CA ASP A 106 -25.78 -2.63 -20.52
C ASP A 106 -24.91 -3.85 -20.16
N ASP A 107 -23.64 -3.82 -20.60
CA ASP A 107 -22.60 -4.74 -20.15
C ASP A 107 -21.22 -4.06 -20.19
N ALA A 108 -21.15 -2.76 -19.85
CA ALA A 108 -19.91 -2.00 -19.79
C ALA A 108 -19.74 -1.28 -18.44
N THR A 109 -20.58 -1.62 -17.44
CA THR A 109 -20.36 -1.42 -15.99
C THR A 109 -20.42 -2.84 -15.40
N THR A 110 -19.88 -3.08 -14.19
CA THR A 110 -19.92 -4.39 -13.53
C THR A 110 -21.24 -4.63 -12.77
N THR A 111 -22.34 -3.98 -13.21
CA THR A 111 -23.72 -4.25 -12.81
C THR A 111 -24.63 -3.93 -14.01
N THR A 112 -25.66 -4.75 -14.31
CA THR A 112 -26.49 -4.55 -15.51
C THR A 112 -27.70 -3.67 -15.24
N CYS A 113 -28.16 -3.58 -13.98
CA CYS A 113 -29.34 -2.79 -13.64
C CYS A 113 -29.11 -1.29 -13.85
N CYS A 114 -27.84 -0.81 -13.68
CA CYS A 114 -27.54 0.57 -13.28
C CYS A 114 -26.08 0.98 -13.61
N ARG A 115 -25.88 2.18 -14.16
CA ARG A 115 -24.58 2.72 -14.54
C ARG A 115 -24.03 3.70 -13.49
N ARG A 116 -22.76 3.51 -13.14
CA ARG A 116 -22.02 4.47 -12.35
C ARG A 116 -21.27 5.43 -13.25
N SER A 117 -21.26 6.69 -12.83
CA SER A 117 -20.51 7.75 -13.47
C SER A 117 -19.59 8.37 -12.42
N TYR A 118 -18.39 8.81 -12.84
CA TYR A 118 -17.30 9.19 -11.93
C TYR A 118 -16.88 10.61 -12.27
N ALA A 119 -16.47 11.36 -11.23
CA ALA A 119 -15.78 12.63 -11.39
C ALA A 119 -14.57 12.65 -10.46
N ALA A 120 -13.60 13.49 -10.82
CA ALA A 120 -12.40 13.64 -10.02
C ALA A 120 -12.74 14.32 -8.71
N SER A 121 -12.20 13.86 -7.58
CA SER A 121 -12.09 14.64 -6.35
C SER A 121 -10.93 15.62 -6.45
N PRO A 122 -10.93 16.71 -5.68
CA PRO A 122 -9.86 17.70 -5.77
C PRO A 122 -8.44 17.13 -5.75
N VAL A 123 -8.23 16.08 -4.93
CA VAL A 123 -6.92 15.47 -4.73
C VAL A 123 -6.38 14.97 -6.07
N CYS A 124 -7.26 14.66 -7.04
CA CYS A 124 -6.78 14.08 -8.29
C CYS A 124 -5.92 15.02 -9.13
N LYS A 125 -5.99 16.35 -8.89
CA LYS A 125 -5.15 17.31 -9.64
C LYS A 125 -3.65 17.08 -9.40
N TRP A 126 -3.30 16.45 -8.27
CA TRP A 126 -1.96 16.01 -7.94
C TRP A 126 -1.48 14.87 -8.80
N PHE A 127 -2.39 14.25 -9.55
CA PHE A 127 -2.00 13.13 -10.39
C PHE A 127 -2.06 13.52 -11.88
N ALA A 128 -2.05 14.84 -12.21
CA ALA A 128 -2.08 15.32 -13.61
C ALA A 128 -0.75 15.06 -14.37
N ARG A 129 -0.84 14.54 -15.63
CA ARG A 129 0.23 14.45 -16.64
C ARG A 129 0.43 15.78 -17.36
N ASN A 130 -0.65 16.33 -17.94
CA ASN A 130 -0.82 17.77 -18.13
C ASN A 130 -2.29 18.15 -17.89
N GLY A 131 -3.16 17.18 -17.47
CA GLY A 131 -4.56 17.42 -17.12
C GLY A 131 -4.83 18.79 -16.46
N VAL A 132 -4.53 18.93 -15.16
CA VAL A 132 -4.71 20.17 -14.38
C VAL A 132 -3.41 20.55 -13.62
N GLU A 133 -2.49 21.29 -14.30
CA GLU A 133 -1.49 22.19 -13.71
C GLU A 133 -0.22 21.45 -13.22
N ASP A 134 0.14 21.62 -11.92
CA ASP A 134 1.50 21.57 -11.37
C ASP A 134 1.91 20.13 -11.02
N SER A 135 1.18 19.41 -10.13
CA SER A 135 1.16 17.94 -10.00
C SER A 135 2.40 17.29 -9.36
N VAL A 136 2.21 16.08 -8.75
CA VAL A 136 3.31 15.28 -8.17
C VAL A 136 3.37 13.92 -8.88
N LEU A 137 2.97 13.91 -10.16
CA LEU A 137 2.92 12.65 -10.89
C LEU A 137 4.32 12.07 -11.06
N PRO A 138 5.36 12.81 -11.53
CA PRO A 138 6.72 12.25 -11.66
C PRO A 138 7.25 11.67 -10.33
N LEU A 139 7.01 12.35 -9.20
CA LEU A 139 7.37 11.84 -7.89
C LEU A 139 6.66 10.52 -7.60
N GLY A 140 5.39 10.41 -7.95
CA GLY A 140 4.59 9.20 -7.70
C GLY A 140 4.95 8.04 -8.61
N MET A 141 5.39 8.34 -9.81
CA MET A 141 5.93 7.32 -10.70
C MET A 141 7.26 6.76 -10.18
N MET A 142 8.01 7.55 -9.40
CA MET A 142 9.17 7.03 -8.71
C MET A 142 8.80 6.15 -7.51
N ILE A 143 7.92 6.68 -6.64
CA ILE A 143 7.37 6.01 -5.46
C ILE A 143 6.86 4.60 -5.81
N LEU A 144 6.09 4.47 -6.90
CA LEU A 144 5.44 3.23 -7.32
C LEU A 144 6.16 2.54 -8.45
N ASN A 145 7.42 2.93 -8.67
CA ASN A 145 8.29 2.25 -9.66
C ASN A 145 8.63 0.86 -9.17
N LYS A 146 8.63 -0.16 -10.02
CA LYS A 146 8.85 -1.52 -9.57
C LYS A 146 10.19 -1.71 -8.90
N THR A 147 11.24 -1.11 -9.49
CA THR A 147 12.60 -1.32 -9.01
C THR A 147 12.74 -0.81 -7.58
N PHE A 148 12.23 0.43 -7.34
CA PHE A 148 12.30 1.03 -6.01
C PHE A 148 11.43 0.22 -5.06
N LEU A 149 10.21 -0.17 -5.45
CA LEU A 149 9.28 -0.84 -4.55
C LEU A 149 9.82 -2.21 -4.14
N ASP A 150 10.44 -2.95 -5.05
CA ASP A 150 10.93 -4.26 -4.72
C ASP A 150 11.77 -4.20 -3.47
N SER A 151 12.50 -3.10 -3.18
CA SER A 151 13.41 -3.07 -2.05
C SER A 151 12.68 -3.29 -0.74
N TRP A 152 11.42 -2.87 -0.69
CA TRP A 152 10.59 -2.93 0.52
C TRP A 152 10.32 -4.36 0.98
N GLN A 153 10.57 -5.34 0.09
CA GLN A 153 10.34 -6.76 0.35
C GLN A 153 11.52 -7.35 1.08
N ASN A 154 12.66 -6.63 1.11
CA ASN A 154 13.85 -7.16 1.74
C ASN A 154 14.25 -6.33 2.94
N ILE A 155 13.29 -5.66 3.61
CA ILE A 155 13.62 -4.93 4.81
C ILE A 155 14.13 -5.87 5.91
N THR A 156 13.47 -7.02 6.14
CA THR A 156 13.82 -7.98 7.19
C THR A 156 15.30 -8.33 7.17
N ASP A 157 15.81 -8.84 6.03
CA ASP A 157 17.23 -9.20 5.91
C ASP A 157 18.15 -8.02 5.98
N ALA A 158 17.73 -6.88 5.42
CA ALA A 158 18.57 -5.68 5.49
C ALA A 158 18.79 -5.24 6.93
N VAL A 159 17.73 -5.29 7.76
CA VAL A 159 17.84 -4.98 9.18
C VAL A 159 18.84 -5.88 9.93
N LEU A 160 18.71 -7.19 9.72
CA LEU A 160 19.57 -8.21 10.32
C LEU A 160 21.07 -7.96 10.02
N GLU A 161 21.39 -7.53 8.79
CA GLU A 161 22.74 -7.19 8.35
C GLU A 161 23.08 -5.74 8.56
N GLY A 162 22.13 -4.96 9.07
CA GLY A 162 22.35 -3.53 9.25
C GLY A 162 22.60 -2.79 7.94
N ALA A 163 21.90 -3.18 6.86
CA ALA A 163 22.13 -2.61 5.54
C ALA A 163 20.88 -1.92 5.00
N ALA A 164 21.08 -1.03 4.02
CA ALA A 164 19.99 -0.50 3.25
C ALA A 164 19.28 -1.66 2.59
N PRO A 165 17.93 -1.80 2.74
CA PRO A 165 17.17 -2.73 1.91
C PRO A 165 17.51 -2.65 0.41
N PHE A 166 17.72 -1.42 -0.12
CA PHE A 166 18.17 -1.24 -1.51
C PHE A 166 19.44 -2.04 -1.79
N GLU A 167 20.47 -1.85 -0.94
N GLU A 167 20.43 -1.86 -0.90
CA GLU A 167 21.74 -2.55 -1.16
CA GLU A 167 21.75 -2.48 -1.03
C GLU A 167 21.52 -4.06 -1.09
C GLU A 167 21.67 -4.01 -0.88
N LYS A 168 20.70 -4.51 -0.12
CA LYS A 168 20.42 -5.95 0.01
C LYS A 168 19.64 -6.52 -1.18
N THR A 169 18.81 -5.73 -1.87
CA THR A 169 18.10 -6.20 -3.06
C THR A 169 18.98 -6.17 -4.34
N TYR A 170 19.82 -5.14 -4.58
CA TYR A 170 20.52 -5.00 -5.87
C TYR A 170 22.05 -5.17 -5.76
N GLY A 171 22.62 -5.36 -4.54
CA GLY A 171 24.02 -5.68 -4.27
C GLY A 171 24.91 -4.46 -4.25
N MET A 172 24.31 -3.26 -4.34
CA MET A 172 25.09 -2.04 -4.19
C MET A 172 24.19 -0.87 -3.81
N PRO A 173 24.75 0.29 -3.40
CA PRO A 173 23.94 1.45 -3.08
C PRO A 173 23.19 2.02 -4.29
N MET A 174 22.22 2.89 -4.02
CA MET A 174 21.29 3.37 -5.04
C MET A 174 21.95 4.31 -6.04
N PHE A 175 22.78 5.23 -5.61
CA PHE A 175 23.45 6.15 -6.57
C PHE A 175 24.37 5.42 -7.52
N GLU A 176 25.11 4.44 -7.00
CA GLU A 176 25.87 3.50 -7.83
C GLU A 176 24.97 2.83 -8.86
N TYR A 177 23.82 2.30 -8.41
CA TYR A 177 23.01 1.46 -9.29
C TYR A 177 22.41 2.31 -10.41
N LEU A 178 22.11 3.57 -10.11
CA LEU A 178 21.39 4.39 -11.07
C LEU A 178 22.28 4.62 -12.29
N SER A 179 23.60 4.72 -12.05
N SER A 179 23.59 4.70 -12.05
CA SER A 179 24.60 4.92 -13.08
CA SER A 179 24.61 4.90 -13.07
C SER A 179 24.55 3.82 -14.16
C SER A 179 24.55 3.82 -14.16
N THR A 180 23.99 2.66 -13.82
CA THR A 180 23.97 1.46 -14.67
C THR A 180 22.56 1.17 -15.20
N ASN A 181 21.61 2.12 -15.01
CA ASN A 181 20.22 1.93 -15.34
C ASN A 181 19.65 3.28 -15.72
N GLY A 182 19.73 3.58 -17.02
CA GLY A 182 19.45 4.92 -17.53
C GLY A 182 17.98 5.25 -17.39
N PRO A 183 17.07 4.33 -17.78
CA PRO A 183 15.62 4.55 -17.56
C PRO A 183 15.24 4.87 -16.11
N LEU A 184 15.76 4.12 -15.16
CA LEU A 184 15.48 4.40 -13.76
C LEU A 184 16.17 5.66 -13.33
N ASN A 185 17.35 5.95 -13.88
CA ASN A 185 18.05 7.19 -13.54
C ASN A 185 17.21 8.39 -13.97
N THR A 186 16.58 8.32 -15.14
CA THR A 186 15.61 9.33 -15.62
C THR A 186 14.39 9.46 -14.70
N VAL A 187 13.71 8.35 -14.39
CA VAL A 187 12.64 8.38 -13.40
C VAL A 187 13.10 9.09 -12.11
N PHE A 188 14.26 8.73 -11.57
CA PHE A 188 14.71 9.30 -10.31
C PHE A 188 14.88 10.81 -10.48
N HIS A 189 15.61 11.23 -11.54
CA HIS A 189 15.88 12.68 -11.78
C HIS A 189 14.63 13.54 -12.03
N GLU A 190 13.64 13.01 -12.77
CA GLU A 190 12.37 13.70 -12.98
C GLU A 190 11.56 13.89 -11.70
N ALA A 191 11.61 12.89 -10.81
CA ALA A 191 10.94 13.02 -9.54
C ALA A 191 11.53 14.16 -8.74
N MET A 192 12.87 14.19 -8.64
CA MET A 192 13.58 15.22 -7.87
C MET A 192 13.40 16.61 -8.49
N ALA A 193 13.45 16.71 -9.83
CA ALA A 193 13.16 17.99 -10.52
C ALA A 193 11.72 18.44 -10.26
N ASN A 194 10.77 17.50 -10.31
CA ASN A 194 9.37 17.79 -10.05
C ASN A 194 9.20 18.38 -8.64
N HIS A 195 9.69 17.67 -7.63
CA HIS A 195 9.58 18.11 -6.25
C HIS A 195 10.33 19.42 -6.02
N SER A 196 11.55 19.51 -6.52
CA SER A 196 12.32 20.78 -6.41
C SER A 196 11.56 21.99 -7.00
N MET A 197 10.89 21.82 -8.13
CA MET A 197 10.11 22.84 -8.82
C MET A 197 8.92 23.30 -8.01
N ILE A 198 8.13 22.37 -7.45
CA ILE A 198 6.96 22.75 -6.63
C ILE A 198 7.39 23.55 -5.39
N ILE A 199 8.48 23.08 -4.72
CA ILE A 199 8.95 23.59 -3.45
C ILE A 199 9.61 24.97 -3.64
N THR A 200 10.41 25.13 -4.69
CA THR A 200 10.98 26.42 -5.07
C THR A 200 9.87 27.46 -5.27
N LYS A 201 8.85 27.13 -6.03
CA LYS A 201 7.73 28.01 -6.19
C LYS A 201 7.10 28.31 -4.84
N LYS A 202 6.91 27.30 -3.97
CA LYS A 202 6.24 27.54 -2.68
C LYS A 202 7.11 28.37 -1.74
N LEU A 203 8.41 28.12 -1.81
CA LEU A 203 9.45 28.87 -1.11
C LEU A 203 9.37 30.35 -1.48
N LEU A 204 9.15 30.68 -2.76
CA LEU A 204 9.05 32.09 -3.17
C LEU A 204 7.72 32.76 -2.80
N LYS A 205 6.68 31.96 -2.58
CA LYS A 205 5.44 32.49 -2.07
C LYS A 205 5.60 32.79 -0.58
N PHE A 206 6.25 31.90 0.23
CA PHE A 206 6.02 31.91 1.68
C PHE A 206 7.27 32.22 2.48
N PHE A 207 8.45 32.16 1.86
CA PHE A 207 9.71 32.28 2.62
C PHE A 207 10.34 33.65 2.34
N ARG A 208 10.89 34.31 3.34
CA ARG A 208 11.38 35.67 3.18
C ARG A 208 12.87 35.75 3.50
N GLY A 209 13.57 34.61 3.54
CA GLY A 209 14.97 34.60 3.90
C GLY A 209 15.93 34.80 2.73
N PHE A 210 15.42 34.95 1.49
CA PHE A 210 16.26 35.36 0.35
C PHE A 210 16.49 36.88 0.32
N GLU A 211 15.59 37.69 0.91
CA GLU A 211 15.72 39.14 0.91
C GLU A 211 17.11 39.57 1.42
N GLY A 212 17.73 40.57 0.77
CA GLY A 212 18.97 41.16 1.27
C GLY A 212 20.21 40.29 1.08
N LEU A 213 20.09 39.16 0.33
CA LEU A 213 21.26 38.32 0.11
C LEU A 213 21.97 38.83 -1.13
N ASP A 214 23.31 38.99 -1.08
CA ASP A 214 24.07 39.28 -2.29
C ASP A 214 24.27 37.99 -3.10
N VAL A 215 24.82 36.96 -2.41
CA VAL A 215 25.24 35.70 -3.06
C VAL A 215 24.65 34.47 -2.35
N LEU A 216 23.79 33.75 -3.08
CA LEU A 216 23.20 32.47 -2.67
C LEU A 216 23.85 31.32 -3.47
N VAL A 217 24.40 30.35 -2.72
CA VAL A 217 24.95 29.08 -3.17
C VAL A 217 23.92 27.96 -3.04
N ASP A 218 23.52 27.35 -4.17
CA ASP A 218 22.60 26.23 -4.22
C ASP A 218 23.40 24.96 -4.41
N VAL A 219 23.68 24.24 -3.30
CA VAL A 219 24.33 22.92 -3.33
C VAL A 219 23.38 21.84 -3.87
N GLY A 220 23.80 21.22 -5.02
CA GLY A 220 23.05 20.19 -5.71
C GLY A 220 22.05 20.80 -6.69
N GLY A 221 22.43 21.97 -7.27
CA GLY A 221 21.49 22.85 -7.99
C GLY A 221 21.11 22.33 -9.38
N GLY A 222 21.68 21.20 -9.84
CA GLY A 222 21.37 20.65 -11.15
C GLY A 222 21.84 21.60 -12.27
N ASN A 223 20.90 21.84 -13.21
CA ASN A 223 21.09 22.76 -14.31
C ASN A 223 20.87 24.24 -13.87
N GLY A 224 20.41 24.50 -12.62
CA GLY A 224 20.47 25.82 -11.99
C GLY A 224 19.11 26.53 -12.00
N THR A 225 18.05 25.75 -12.31
CA THR A 225 16.67 26.25 -12.41
C THR A 225 16.21 26.96 -11.11
N THR A 226 16.61 26.44 -9.93
CA THR A 226 16.18 26.92 -8.63
C THR A 226 16.71 28.34 -8.46
N LEU A 227 18.01 28.57 -8.69
CA LEU A 227 18.52 29.93 -8.67
C LEU A 227 17.86 30.82 -9.75
N GLN A 228 17.69 30.34 -10.97
CA GLN A 228 17.05 31.14 -12.00
C GLN A 228 15.69 31.66 -11.54
N MET A 229 14.86 30.77 -10.96
CA MET A 229 13.52 31.18 -10.55
C MET A 229 13.62 32.09 -9.32
N ILE A 230 14.66 31.87 -8.48
CA ILE A 230 14.88 32.70 -7.29
C ILE A 230 15.33 34.09 -7.74
N ARG A 231 16.27 34.17 -8.68
CA ARG A 231 16.71 35.42 -9.30
C ARG A 231 15.55 36.11 -10.03
N GLY A 232 14.68 35.33 -10.68
CA GLY A 232 13.44 35.82 -11.25
C GLY A 232 12.63 36.67 -10.28
N GLN A 233 12.89 36.58 -8.95
CA GLN A 233 12.20 37.37 -7.94
C GLN A 233 13.17 38.29 -7.20
N TYR A 234 14.45 37.91 -7.01
CA TYR A 234 15.48 38.72 -6.34
C TYR A 234 16.63 39.05 -7.31
N LYS A 235 16.35 40.04 -8.21
CA LYS A 235 17.17 40.46 -9.36
C LYS A 235 18.62 40.79 -9.04
N ASN A 236 18.92 41.36 -7.86
CA ASN A 236 20.29 41.75 -7.50
C ASN A 236 21.06 40.61 -6.86
N MET A 237 20.43 39.42 -6.83
CA MET A 237 21.07 38.29 -6.18
C MET A 237 21.92 37.56 -7.21
N ARG A 238 23.20 37.36 -6.87
CA ARG A 238 24.09 36.46 -7.57
C ARG A 238 23.91 35.03 -7.00
N GLY A 239 23.80 34.08 -7.93
CA GLY A 239 23.74 32.67 -7.61
C GLY A 239 25.10 32.04 -7.84
N ILE A 240 25.46 31.07 -7.00
CA ILE A 240 26.39 30.02 -7.36
C ILE A 240 25.66 28.66 -7.33
N ASN A 241 25.40 28.05 -8.51
CA ASN A 241 24.90 26.69 -8.73
C ASN A 241 26.01 25.63 -8.60
N TYR A 242 26.17 25.04 -7.41
CA TYR A 242 27.25 24.11 -7.09
C TYR A 242 26.72 22.66 -6.98
N ASP A 243 27.43 21.70 -7.64
CA ASP A 243 26.99 20.33 -7.87
C ASP A 243 28.20 19.58 -8.44
N LEU A 244 27.99 18.31 -8.84
CA LEU A 244 29.06 17.45 -9.31
C LEU A 244 29.52 17.87 -10.70
N PRO A 245 30.86 17.82 -10.95
CA PRO A 245 31.43 18.11 -12.26
C PRO A 245 30.63 17.57 -13.45
N HIS A 246 30.09 16.34 -13.38
CA HIS A 246 29.36 15.77 -14.53
C HIS A 246 27.98 16.40 -14.76
N VAL A 247 27.35 16.92 -13.69
CA VAL A 247 26.06 17.59 -13.73
C VAL A 247 26.27 19.03 -14.24
N ILE A 248 27.43 19.66 -13.90
CA ILE A 248 27.73 21.04 -14.31
C ILE A 248 28.06 21.15 -15.82
N ALA A 249 28.68 20.11 -16.41
CA ALA A 249 28.87 19.92 -17.83
C ALA A 249 27.61 20.16 -18.69
N GLN A 250 26.46 19.57 -18.31
CA GLN A 250 25.27 19.55 -19.16
C GLN A 250 24.39 20.81 -18.99
N ALA A 251 24.84 21.78 -18.18
CA ALA A 251 24.04 22.96 -17.84
C ALA A 251 24.30 24.11 -18.81
N ALA A 252 23.25 24.48 -19.57
CA ALA A 252 23.14 25.73 -20.30
C ALA A 252 23.39 26.93 -19.37
N PRO A 253 24.04 28.01 -19.88
CA PRO A 253 24.36 29.17 -19.02
C PRO A 253 23.10 29.77 -18.39
N VAL A 254 23.25 30.40 -17.23
CA VAL A 254 22.11 31.17 -16.76
C VAL A 254 22.61 32.53 -16.31
N GLU A 255 21.91 33.58 -16.77
CA GLU A 255 22.25 34.94 -16.40
C GLU A 255 22.27 34.98 -14.89
N GLY A 256 23.42 35.42 -14.36
CA GLY A 256 23.51 35.90 -12.99
C GLY A 256 23.88 34.77 -12.03
N VAL A 257 24.01 33.56 -12.60
CA VAL A 257 24.33 32.34 -11.91
C VAL A 257 25.67 31.85 -12.42
N GLU A 258 26.62 31.63 -11.51
CA GLU A 258 27.84 30.91 -11.76
C GLU A 258 27.66 29.40 -11.48
N HIS A 259 27.75 28.55 -12.52
CA HIS A 259 27.88 27.10 -12.42
C HIS A 259 29.28 26.67 -11.98
N VAL A 260 29.42 26.09 -10.77
CA VAL A 260 30.70 25.65 -10.25
C VAL A 260 30.53 24.16 -9.94
N GLY A 261 31.37 23.32 -10.59
CA GLY A 261 31.47 21.91 -10.25
C GLY A 261 32.34 21.79 -8.99
N GLY A 262 32.03 20.75 -8.19
CA GLY A 262 32.76 20.40 -6.98
C GLY A 262 31.94 19.39 -6.18
N SER A 263 32.56 18.91 -5.08
CA SER A 263 31.91 18.14 -4.04
C SER A 263 31.80 18.90 -2.69
N MET A 264 30.60 18.86 -2.10
CA MET A 264 30.26 19.51 -0.80
C MET A 264 31.05 19.00 0.39
N PHE A 265 31.69 17.82 0.28
CA PHE A 265 32.52 17.25 1.37
C PHE A 265 33.94 17.83 1.39
N ASP A 266 34.37 18.48 0.30
CA ASP A 266 35.67 19.15 0.19
C ASP A 266 35.62 20.58 0.70
N ASN A 267 34.74 21.29 -0.01
CA ASN A 267 34.59 22.73 -0.02
C ASN A 267 33.17 23.11 -0.48
N ILE A 268 32.71 24.25 0.03
CA ILE A 268 31.58 24.95 -0.60
C ILE A 268 32.07 26.36 -1.01
N PRO A 269 31.65 26.88 -2.20
CA PRO A 269 31.91 28.28 -2.58
C PRO A 269 31.38 29.29 -1.55
N ARG A 270 32.10 30.43 -1.37
CA ARG A 270 31.76 31.46 -0.41
C ARG A 270 30.49 32.18 -0.81
N GLY A 271 29.75 32.69 0.19
CA GLY A 271 28.40 33.20 -0.10
C GLY A 271 27.80 33.89 1.13
N ASN A 272 26.61 34.45 0.96
CA ASN A 272 25.94 35.08 2.11
C ASN A 272 25.06 34.05 2.79
N ALA A 273 24.59 33.10 1.95
CA ALA A 273 23.79 31.97 2.38
C ALA A 273 24.13 30.76 1.52
N VAL A 274 24.02 29.57 2.16
CA VAL A 274 24.05 28.28 1.47
C VAL A 274 22.70 27.57 1.56
N LEU A 275 22.09 27.19 0.42
CA LEU A 275 20.87 26.39 0.37
C LEU A 275 21.17 24.88 0.20
N LEU A 276 20.67 24.08 1.18
CA LEU A 276 20.67 22.63 1.22
C LEU A 276 19.22 22.10 1.12
N LYS A 277 18.78 21.71 -0.08
CA LYS A 277 17.43 21.16 -0.29
C LYS A 277 17.52 19.63 -0.40
N TRP A 278 16.96 18.90 0.58
CA TRP A 278 16.87 17.45 0.56
C TRP A 278 18.25 16.80 0.36
N ILE A 279 19.27 17.32 1.06
CA ILE A 279 20.65 16.85 1.06
C ILE A 279 20.92 16.11 2.38
N LEU A 280 20.71 16.78 3.53
CA LEU A 280 21.09 16.19 4.84
C LEU A 280 20.36 14.87 5.14
N HIS A 281 19.12 14.68 4.65
CA HIS A 281 18.34 13.52 4.97
C HIS A 281 18.89 12.25 4.31
N ASP A 282 19.89 12.42 3.42
CA ASP A 282 20.47 11.32 2.67
C ASP A 282 21.57 10.69 3.51
N TRP A 283 22.03 11.39 4.57
CA TRP A 283 23.31 11.15 5.23
C TRP A 283 23.14 11.03 6.74
N ASP A 284 24.07 10.29 7.35
CA ASP A 284 24.10 10.08 8.79
C ASP A 284 24.70 11.35 9.39
N ASP A 285 24.67 11.42 10.71
CA ASP A 285 25.09 12.58 11.52
C ASP A 285 26.48 13.07 11.11
N LYS A 286 27.46 12.16 11.11
CA LYS A 286 28.86 12.54 10.84
C LYS A 286 29.00 13.13 9.46
N ALA A 287 28.41 12.52 8.44
CA ALA A 287 28.38 13.17 7.12
C ALA A 287 27.66 14.56 7.11
N CYS A 288 26.48 14.72 7.77
CA CYS A 288 25.76 16.01 7.89
C CYS A 288 26.62 17.07 8.58
N ILE A 289 27.34 16.70 9.63
CA ILE A 289 28.20 17.65 10.37
C ILE A 289 29.35 18.08 9.47
N LYS A 290 29.88 17.17 8.60
CA LYS A 290 30.95 17.50 7.66
C LYS A 290 30.48 18.50 6.61
N ILE A 291 29.33 18.23 5.96
CA ILE A 291 28.64 19.19 5.08
C ILE A 291 28.43 20.54 5.76
N LEU A 292 27.89 20.59 6.99
CA LEU A 292 27.59 21.85 7.66
C LEU A 292 28.85 22.60 8.11
N LYS A 293 29.93 21.89 8.50
CA LYS A 293 31.22 22.54 8.82
C LYS A 293 31.82 23.23 7.59
N ASN A 294 31.63 22.66 6.40
CA ASN A 294 32.04 23.29 5.16
C ASN A 294 31.16 24.51 4.87
N CYS A 295 29.83 24.39 5.04
CA CYS A 295 28.89 25.50 5.00
C CYS A 295 29.31 26.66 5.91
N TYR A 296 29.75 26.31 7.15
CA TYR A 296 30.25 27.25 8.11
C TYR A 296 31.38 28.05 7.50
N THR A 297 32.52 27.37 7.27
CA THR A 297 33.74 27.99 6.77
C THR A 297 33.43 28.84 5.53
N ALA A 298 32.60 28.36 4.59
CA ALA A 298 32.17 29.15 3.42
C ALA A 298 31.42 30.50 3.68
N LEU A 299 30.87 30.73 4.88
CA LEU A 299 30.00 31.88 5.11
C LEU A 299 30.79 32.86 5.95
N HIS A 300 30.41 34.15 5.85
CA HIS A 300 30.90 35.23 6.68
C HIS A 300 30.00 35.23 7.94
N VAL A 301 30.44 35.84 9.08
CA VAL A 301 29.64 35.93 10.30
C VAL A 301 28.30 36.63 9.97
N ARG A 302 27.19 36.24 10.62
CA ARG A 302 25.83 36.66 10.27
C ARG A 302 25.33 36.04 8.95
N GLY A 303 26.12 35.20 8.29
CA GLY A 303 25.63 34.42 7.17
C GLY A 303 24.85 33.17 7.62
N LYS A 304 24.08 32.59 6.69
CA LYS A 304 23.10 31.57 6.99
C LYS A 304 23.27 30.29 6.13
N VAL A 305 23.04 29.13 6.76
CA VAL A 305 22.59 27.92 6.07
C VAL A 305 21.08 27.83 6.07
N ILE A 306 20.50 27.54 4.90
CA ILE A 306 19.06 27.34 4.77
C ILE A 306 18.83 25.87 4.41
N VAL A 307 18.21 25.13 5.33
CA VAL A 307 17.91 23.72 5.15
C VAL A 307 16.45 23.52 4.78
N LEU A 308 16.22 22.86 3.63
CA LEU A 308 14.88 22.55 3.13
C LEU A 308 14.62 21.04 3.25
N GLU A 309 13.82 20.67 4.25
CA GLU A 309 13.72 19.31 4.72
C GLU A 309 12.34 19.16 5.34
N TYR A 310 11.79 17.94 5.33
CA TYR A 310 10.76 17.58 6.30
C TYR A 310 11.39 17.61 7.70
N VAL A 311 10.53 17.66 8.74
CA VAL A 311 10.94 17.68 10.13
C VAL A 311 9.99 16.77 10.88
N VAL A 312 10.50 15.65 11.45
CA VAL A 312 9.62 14.73 12.13
C VAL A 312 9.28 15.32 13.48
N PRO A 313 8.06 15.05 13.98
CA PRO A 313 7.76 15.44 15.35
C PRO A 313 8.61 14.58 16.31
N ASP A 314 8.84 15.06 17.53
N ASP A 314 8.69 15.08 17.54
CA ASP A 314 9.72 14.37 18.47
CA ASP A 314 9.29 14.45 18.69
C ASP A 314 8.97 13.17 19.08
C ASP A 314 8.55 13.16 19.09
N GLU A 315 7.69 13.03 18.73
N GLU A 315 7.21 13.21 19.05
CA GLU A 315 6.89 11.88 19.11
CA GLU A 315 6.40 12.05 19.39
C GLU A 315 5.93 11.54 17.99
C GLU A 315 5.75 11.58 18.09
N PRO A 316 5.54 10.25 17.90
CA PRO A 316 4.83 9.76 16.73
C PRO A 316 3.33 10.07 16.77
N GLU A 317 2.95 11.26 16.37
CA GLU A 317 1.56 11.67 16.37
C GLU A 317 0.80 11.02 15.22
N PRO A 318 -0.46 10.59 15.45
CA PRO A 318 -1.26 10.01 14.37
C PRO A 318 -2.03 11.07 13.58
N THR A 319 -1.30 11.97 12.93
CA THR A 319 -1.84 12.95 12.00
C THR A 319 -1.30 12.66 10.62
N LEU A 320 -1.93 13.25 9.63
CA LEU A 320 -1.57 13.15 8.21
C LEU A 320 -0.14 13.65 8.01
N ALA A 321 0.19 14.81 8.54
CA ALA A 321 1.54 15.35 8.44
C ALA A 321 2.59 14.40 9.05
N ALA A 322 2.45 13.99 10.33
CA ALA A 322 3.48 13.18 10.95
C ALA A 322 3.59 11.81 10.25
N GLN A 323 2.50 11.21 9.85
CA GLN A 323 2.57 9.97 9.08
C GLN A 323 3.34 10.12 7.77
N GLY A 324 3.12 11.25 7.07
CA GLY A 324 3.87 11.63 5.88
C GLY A 324 5.38 11.66 6.07
N ALA A 325 5.78 12.28 7.16
CA ALA A 325 7.16 12.47 7.53
C ALA A 325 7.81 11.15 7.90
N PHE A 326 7.16 10.32 8.73
CA PHE A 326 7.68 8.97 9.06
C PHE A 326 7.69 8.04 7.86
N GLU A 327 6.77 8.23 6.93
N GLU A 327 6.77 8.24 6.94
CA GLU A 327 6.72 7.52 5.67
CA GLU A 327 6.76 7.50 5.69
C GLU A 327 7.97 7.89 4.86
C GLU A 327 8.00 7.87 4.88
N LEU A 328 8.31 9.17 4.76
CA LEU A 328 9.55 9.58 4.12
C LEU A 328 10.78 9.03 4.86
N ASP A 329 10.75 8.95 6.21
CA ASP A 329 11.86 8.36 6.93
C ASP A 329 12.08 6.89 6.55
N LEU A 330 11.01 6.10 6.37
CA LEU A 330 11.15 4.72 5.98
C LEU A 330 11.62 4.63 4.55
N THR A 331 11.22 5.58 3.68
CA THR A 331 11.72 5.66 2.32
C THR A 331 13.24 5.89 2.33
N MET A 332 13.71 6.76 3.20
CA MET A 332 15.14 6.96 3.39
C MET A 332 15.84 5.74 3.95
N LEU A 333 15.21 5.03 4.94
CA LEU A 333 15.71 3.77 5.47
C LEU A 333 15.89 2.72 4.38
N VAL A 334 14.86 2.54 3.56
CA VAL A 334 14.88 1.58 2.47
C VAL A 334 15.92 1.94 1.42
N THR A 335 16.06 3.24 1.15
CA THR A 335 16.85 3.71 0.01
C THR A 335 18.33 3.77 0.38
N PHE A 336 18.68 4.27 1.60
CA PHE A 336 20.01 4.62 2.02
C PHE A 336 20.37 3.90 3.30
N GLY A 337 19.39 3.47 4.07
CA GLY A 337 19.67 2.86 5.37
C GLY A 337 19.92 3.90 6.45
N SER A 338 21.08 4.60 6.38
CA SER A 338 21.41 5.63 7.41
C SER A 338 20.95 7.06 7.03
N GLY A 339 20.46 7.28 5.80
CA GLY A 339 19.59 8.42 5.53
C GLY A 339 18.39 8.37 6.47
N LYS A 340 17.95 9.53 6.96
CA LYS A 340 16.88 9.59 7.94
C LYS A 340 16.22 10.96 7.87
N GLU A 341 14.93 11.04 8.28
CA GLU A 341 14.36 12.33 8.66
C GLU A 341 14.70 12.65 10.13
N ARG A 342 14.89 13.95 10.40
CA ARG A 342 15.27 14.44 11.72
C ARG A 342 14.24 15.43 12.30
N THR A 343 14.23 15.49 13.63
CA THR A 343 13.44 16.45 14.37
C THR A 343 14.20 17.78 14.33
N GLN A 344 13.57 18.87 14.75
CA GLN A 344 14.16 20.21 14.83
C GLN A 344 15.34 20.17 15.79
N ARG A 345 15.22 19.52 16.94
CA ARG A 345 16.28 19.44 17.92
C ARG A 345 17.51 18.76 17.31
N GLU A 346 17.33 17.69 16.52
CA GLU A 346 18.40 16.98 15.89
C GLU A 346 19.07 17.88 14.86
N PHE A 347 18.30 18.60 14.05
CA PHE A 347 18.91 19.55 13.10
C PHE A 347 19.72 20.64 13.79
N SER A 348 19.20 21.13 14.90
CA SER A 348 19.89 22.06 15.81
C SER A 348 21.20 21.51 16.40
N GLU A 349 21.18 20.28 16.89
CA GLU A 349 22.36 19.64 17.46
C GLU A 349 23.41 19.56 16.37
N LEU A 350 23.03 19.16 15.14
CA LEU A 350 24.03 19.07 14.06
C LEU A 350 24.63 20.43 13.79
N ALA A 351 23.79 21.49 13.76
CA ALA A 351 24.24 22.81 13.33
C ALA A 351 25.17 23.37 14.38
N MET A 352 24.89 23.14 15.67
CA MET A 352 25.73 23.65 16.76
C MET A 352 27.08 22.88 16.85
N GLU A 353 27.05 21.55 16.62
CA GLU A 353 28.28 20.78 16.41
C GLU A 353 29.19 21.42 15.36
N ALA A 354 28.58 21.91 14.29
CA ALA A 354 29.29 22.43 13.15
C ALA A 354 29.75 23.88 13.36
N GLY A 355 29.49 24.45 14.57
CA GLY A 355 29.86 25.82 14.87
C GLY A 355 28.76 26.90 14.79
N PHE A 356 27.51 26.61 14.38
CA PHE A 356 26.47 27.63 14.32
C PHE A 356 25.94 28.01 15.70
N SER A 357 25.50 29.28 15.83
CA SER A 357 24.88 29.88 17.02
C SER A 357 23.54 29.24 17.45
N ARG A 358 23.25 29.42 18.73
CA ARG A 358 21.99 29.06 19.39
C ARG A 358 20.93 30.10 18.98
N GLU A 359 20.61 30.06 17.72
CA GLU A 359 19.85 31.02 17.01
C GLU A 359 19.25 30.31 15.81
N PHE A 360 17.94 29.98 15.84
CA PHE A 360 17.31 28.93 15.05
C PHE A 360 16.03 29.54 14.47
N LYS A 361 15.79 29.42 13.17
CA LYS A 361 14.53 29.83 12.61
C LYS A 361 13.92 28.72 11.81
N ALA A 362 12.59 28.59 11.86
CA ALA A 362 11.86 27.62 11.09
C ALA A 362 10.65 28.28 10.46
N THR A 363 10.54 28.14 9.11
CA THR A 363 9.40 28.63 8.33
C THR A 363 8.78 27.45 7.59
N TYR A 364 7.47 27.16 7.80
CA TYR A 364 6.78 26.08 7.12
C TYR A 364 6.61 26.51 5.69
N ILE A 365 6.92 25.61 4.72
CA ILE A 365 6.76 25.92 3.29
C ILE A 365 5.51 25.25 2.73
N PHE A 366 5.59 23.93 2.44
CA PHE A 366 4.48 23.21 1.79
C PHE A 366 4.86 21.72 1.73
N ALA A 367 3.82 20.86 1.66
CA ALA A 367 3.89 19.39 1.59
C ALA A 367 4.93 18.87 2.56
N ASN A 368 4.85 19.36 3.80
CA ASN A 368 5.64 18.90 4.96
C ASN A 368 7.04 19.46 5.02
N VAL A 369 7.43 20.31 4.02
CA VAL A 369 8.78 20.83 3.94
C VAL A 369 8.85 22.12 4.75
N TRP A 370 9.91 22.24 5.57
CA TRP A 370 10.25 23.46 6.31
C TRP A 370 11.56 24.01 5.76
N ALA A 371 11.72 25.35 5.83
CA ALA A 371 13.02 26.00 5.68
C ALA A 371 13.53 26.43 7.06
N LEU A 372 14.55 25.70 7.51
CA LEU A 372 15.20 25.97 8.78
C LEU A 372 16.46 26.76 8.50
N GLU A 373 16.79 27.74 9.34
CA GLU A 373 17.94 28.57 9.06
C GLU A 373 18.76 28.67 10.31
N PHE A 374 20.09 28.57 10.12
CA PHE A 374 21.09 28.55 11.19
C PHE A 374 22.08 29.66 10.85
N THR A 375 22.59 30.39 11.84
CA THR A 375 23.36 31.62 11.58
C THR A 375 24.70 31.53 12.29
N LYS A 376 25.74 32.21 11.79
CA LYS A 376 27.13 32.06 12.26
C LYS A 376 27.53 33.24 13.16
N SER B 14 -1.33 21.28 8.04
CA SER B 14 -1.07 21.95 6.73
C SER B 14 -1.14 23.47 6.89
N ALA B 15 -0.45 24.25 6.03
CA ALA B 15 -0.42 25.70 6.17
C ALA B 15 -1.82 26.28 5.96
N ARG B 16 -2.85 25.52 6.34
CA ARG B 16 -4.22 25.70 5.85
C ARG B 16 -4.14 25.42 4.34
N ASN B 17 -4.06 26.49 3.54
CA ASN B 17 -4.03 26.40 2.09
C ASN B 17 -5.20 25.51 1.66
N GLU B 18 -5.28 24.27 2.24
CA GLU B 18 -6.23 23.28 1.76
C GLU B 18 -5.64 22.65 0.50
N GLU B 19 -4.95 23.45 -0.30
CA GLU B 19 -4.03 23.03 -1.35
C GLU B 19 -2.95 22.12 -0.77
N ASP B 20 -2.35 22.51 0.38
CA ASP B 20 -1.29 21.77 1.08
C ASP B 20 -1.79 20.37 1.56
N GLU B 21 -3.03 20.33 2.08
CA GLU B 21 -3.64 19.13 2.62
C GLU B 21 -4.02 18.20 1.51
N SER B 22 -4.51 18.77 0.40
CA SER B 22 -4.76 18.06 -0.86
C SER B 22 -3.48 17.34 -1.29
N CYS B 23 -2.35 18.03 -1.18
CA CYS B 23 -1.06 17.57 -1.66
C CYS B 23 -0.60 16.41 -0.79
N MET B 24 -0.68 16.62 0.54
CA MET B 24 -0.31 15.58 1.48
C MET B 24 -1.22 14.35 1.39
N PHE B 25 -2.49 14.58 1.05
CA PHE B 25 -3.46 13.52 0.86
C PHE B 25 -3.06 12.72 -0.36
N ALA B 26 -2.77 13.40 -1.48
CA ALA B 26 -2.25 12.75 -2.68
C ALA B 26 -1.05 11.82 -2.38
N LEU B 27 -0.05 12.32 -1.62
CA LEU B 27 1.12 11.55 -1.18
C LEU B 27 0.77 10.35 -0.28
N LYS B 28 -0.08 10.53 0.75
CA LYS B 28 -0.64 9.41 1.49
C LYS B 28 -1.20 8.35 0.53
N LEU B 29 -2.02 8.71 -0.44
CA LEU B 29 -2.64 7.72 -1.32
C LEU B 29 -1.58 6.93 -2.08
N LEU B 30 -0.51 7.60 -2.52
CA LEU B 30 0.55 6.94 -3.30
C LEU B 30 1.44 6.04 -2.43
N GLY B 31 1.52 6.37 -1.14
CA GLY B 31 2.33 5.66 -0.17
C GLY B 31 1.67 4.57 0.67
N GLY B 32 0.44 4.22 0.39
CA GLY B 32 -0.33 3.30 1.22
C GLY B 32 0.31 1.93 1.36
N PHE B 33 1.29 1.57 0.49
CA PHE B 33 2.05 0.33 0.64
C PHE B 33 2.97 0.29 1.87
N ALA B 34 3.38 1.45 2.41
CA ALA B 34 4.41 1.45 3.43
C ALA B 34 3.98 0.68 4.69
N VAL B 35 2.76 0.93 5.15
CA VAL B 35 2.26 0.23 6.36
C VAL B 35 2.31 -1.29 6.19
N PRO B 36 1.64 -1.90 5.17
CA PRO B 36 1.67 -3.36 5.00
C PRO B 36 3.08 -3.91 4.99
N PHE B 37 4.00 -3.29 4.28
CA PHE B 37 5.35 -3.77 4.07
C PHE B 37 6.19 -3.67 5.32
N THR B 38 5.92 -2.65 6.14
CA THR B 38 6.57 -2.45 7.42
C THR B 38 6.06 -3.46 8.44
N ILE B 39 4.73 -3.72 8.47
CA ILE B 39 4.20 -4.69 9.38
C ILE B 39 4.80 -6.04 9.01
N LYS B 40 4.85 -6.38 7.72
CA LYS B 40 5.46 -7.66 7.30
C LYS B 40 6.88 -7.81 7.86
N ALA B 41 7.69 -6.74 7.81
CA ALA B 41 9.06 -6.77 8.30
C ALA B 41 9.07 -7.02 9.81
N VAL B 42 8.17 -6.35 10.52
CA VAL B 42 8.14 -6.44 11.97
C VAL B 42 7.73 -7.85 12.42
N ILE B 43 6.88 -8.50 11.62
CA ILE B 43 6.44 -9.87 11.84
C ILE B 43 7.59 -10.80 11.61
N GLU B 44 8.17 -10.74 10.39
N GLU B 44 8.19 -10.75 10.41
CA GLU B 44 9.26 -11.63 9.97
CA GLU B 44 9.23 -11.71 10.02
C GLU B 44 10.45 -11.57 10.94
C GLU B 44 10.58 -11.45 10.70
N LEU B 45 10.72 -10.38 11.50
CA LEU B 45 11.86 -10.21 12.37
C LEU B 45 11.62 -10.87 13.75
N GLY B 46 10.39 -11.34 14.01
CA GLY B 46 9.97 -11.80 15.32
C GLY B 46 9.64 -10.68 16.33
N VAL B 47 9.73 -9.40 15.92
CA VAL B 47 9.44 -8.28 16.79
C VAL B 47 7.97 -8.27 17.17
N MET B 48 7.09 -8.61 16.23
CA MET B 48 5.66 -8.57 16.50
C MET B 48 5.32 -9.62 17.56
N ASP B 49 5.86 -10.84 17.45
CA ASP B 49 5.57 -11.87 18.46
C ASP B 49 6.00 -11.47 19.87
N GLN B 50 7.18 -10.86 20.01
CA GLN B 50 7.62 -10.25 21.26
C GLN B 50 6.67 -9.15 21.77
N LEU B 51 6.15 -8.27 20.91
CA LEU B 51 5.14 -7.28 21.35
C LEU B 51 3.88 -7.99 21.91
N LEU B 52 3.49 -9.09 21.28
CA LEU B 52 2.24 -9.83 21.64
C LEU B 52 2.38 -10.64 22.93
N THR B 53 3.60 -11.03 23.32
CA THR B 53 3.85 -11.81 24.55
C THR B 53 4.43 -10.92 25.68
N ALA B 54 4.56 -9.59 25.47
CA ALA B 54 5.27 -8.73 26.42
C ALA B 54 4.36 -8.36 27.56
N GLU B 55 4.95 -8.12 28.76
CA GLU B 55 4.24 -7.64 29.95
C GLU B 55 4.17 -6.12 30.01
N ARG B 56 5.18 -5.46 29.43
CA ARG B 56 5.17 -4.00 29.35
C ARG B 56 5.72 -3.51 28.00
N ALA B 57 5.64 -2.20 27.79
CA ALA B 57 6.26 -1.51 26.68
C ALA B 57 7.73 -1.89 26.64
N MET B 58 8.29 -2.14 25.42
CA MET B 58 9.68 -2.53 25.28
C MET B 58 10.34 -1.61 24.26
N SER B 59 11.64 -1.29 24.48
CA SER B 59 12.41 -0.51 23.54
C SER B 59 12.77 -1.38 22.30
N ALA B 60 13.21 -0.75 21.21
CA ALA B 60 13.62 -1.50 20.03
C ALA B 60 14.78 -2.40 20.39
N GLU B 61 15.68 -1.92 21.26
CA GLU B 61 16.84 -2.67 21.71
C GLU B 61 16.42 -3.95 22.47
N GLU B 62 15.46 -3.82 23.39
CA GLU B 62 14.91 -4.97 24.06
C GLU B 62 14.22 -5.88 23.07
N LEU B 63 13.57 -5.31 22.01
CA LEU B 63 12.71 -6.12 21.14
C LEU B 63 13.59 -6.96 20.22
N VAL B 64 14.62 -6.33 19.66
CA VAL B 64 15.68 -7.04 18.92
C VAL B 64 16.40 -8.12 19.74
N ALA B 65 16.81 -7.82 20.99
CA ALA B 65 17.56 -8.81 21.78
C ALA B 65 16.67 -10.04 22.04
N ALA B 66 15.36 -9.85 22.20
CA ALA B 66 14.45 -10.97 22.50
C ALA B 66 14.00 -11.73 21.24
N ALA B 67 13.79 -11.04 20.10
CA ALA B 67 13.34 -11.66 18.86
C ALA B 67 14.44 -12.46 18.16
N VAL B 68 15.69 -12.03 18.32
CA VAL B 68 16.81 -12.53 17.53
C VAL B 68 17.83 -13.22 18.46
N ALA B 69 18.07 -14.51 18.23
CA ALA B 69 19.11 -15.31 18.91
C ALA B 69 20.53 -15.01 18.39
N ALA B 70 20.71 -15.04 17.04
CA ALA B 70 21.97 -14.78 16.35
C ALA B 70 22.68 -13.57 16.92
N GLN B 71 24.01 -13.56 16.80
CA GLN B 71 24.82 -12.35 16.98
C GLN B 71 24.71 -11.61 15.64
N LEU B 72 24.49 -10.29 15.73
CA LEU B 72 24.22 -9.47 14.55
C LEU B 72 25.51 -8.75 14.21
N PRO B 73 25.93 -8.63 12.92
CA PRO B 73 27.14 -7.92 12.55
C PRO B 73 27.08 -6.45 12.99
N ARG B 74 25.91 -5.82 12.87
CA ARG B 74 25.75 -4.40 13.09
C ARG B 74 24.57 -4.22 14.04
N PRO B 75 24.74 -4.49 15.36
CA PRO B 75 23.60 -4.59 16.27
C PRO B 75 22.91 -3.26 16.57
N GLU B 76 23.69 -2.17 16.56
CA GLU B 76 23.19 -0.85 16.86
C GLU B 76 22.32 -0.38 15.68
N VAL B 77 22.77 -0.64 14.45
CA VAL B 77 22.08 -0.25 13.24
C VAL B 77 20.76 -1.00 13.12
N ALA B 78 20.77 -2.30 13.43
CA ALA B 78 19.56 -3.12 13.41
C ALA B 78 18.53 -2.56 14.39
N CYS B 79 19.00 -2.12 15.57
CA CYS B 79 18.14 -1.58 16.61
C CYS B 79 17.52 -0.24 16.19
N THR B 80 18.30 0.68 15.57
CA THR B 80 17.76 1.99 15.21
C THR B 80 16.77 1.84 14.05
N MET B 81 17.03 0.91 13.12
CA MET B 81 16.12 0.61 12.04
C MET B 81 14.79 0.09 12.54
N VAL B 82 14.79 -0.81 13.53
CA VAL B 82 13.56 -1.34 14.10
C VAL B 82 12.80 -0.21 14.82
N ASP B 83 13.53 0.61 15.58
CA ASP B 83 12.95 1.80 16.16
C ASP B 83 12.19 2.62 15.09
N ARG B 84 12.81 2.85 13.92
CA ARG B 84 12.21 3.65 12.87
C ARG B 84 10.97 2.96 12.31
N LEU B 85 11.02 1.64 12.15
CA LEU B 85 9.86 0.84 11.71
C LEU B 85 8.71 1.05 12.66
N LEU B 86 8.99 0.96 13.98
CA LEU B 86 7.96 0.92 15.01
C LEU B 86 7.40 2.32 15.21
N ARG B 87 8.25 3.33 15.15
CA ARG B 87 7.84 4.75 15.21
C ARG B 87 6.83 5.07 14.11
N PHE B 88 7.10 4.65 12.86
CA PHE B 88 6.15 4.80 11.78
C PHE B 88 4.84 4.07 12.12
N LEU B 89 4.92 2.79 12.59
CA LEU B 89 3.69 2.05 12.90
C LEU B 89 2.93 2.74 14.03
N ALA B 90 3.66 3.39 14.98
CA ALA B 90 3.07 4.16 16.07
C ALA B 90 2.26 5.36 15.54
N SER B 91 2.73 6.04 14.49
CA SER B 91 2.02 7.17 13.89
C SER B 91 0.69 6.75 13.20
N HIS B 92 0.57 5.46 12.88
CA HIS B 92 -0.62 4.84 12.28
C HIS B 92 -1.44 4.08 13.32
N SER B 93 -1.05 4.17 14.59
CA SER B 93 -1.82 3.60 15.72
C SER B 93 -1.73 2.07 15.77
N VAL B 94 -0.77 1.44 15.06
CA VAL B 94 -0.67 -0.02 14.98
C VAL B 94 0.04 -0.54 16.23
N VAL B 95 1.01 0.25 16.75
CA VAL B 95 1.60 0.06 18.08
C VAL B 95 1.44 1.34 18.92
N ARG B 96 1.52 1.20 20.26
CA ARG B 96 1.57 2.32 21.20
C ARG B 96 3.03 2.62 21.45
N CYS B 97 3.31 3.87 21.64
CA CYS B 97 4.65 4.34 21.87
C CYS B 97 4.62 5.17 23.16
N THR B 98 5.62 4.97 24.07
CA THR B 98 5.90 5.95 25.13
C THR B 98 7.35 6.39 25.00
N THR B 99 7.59 7.67 25.33
CA THR B 99 8.93 8.22 25.31
C THR B 99 9.36 8.58 26.74
N GLU B 100 10.58 8.19 27.11
CA GLU B 100 11.18 8.47 28.43
C GLU B 100 12.57 9.04 28.20
N VAL B 101 13.04 9.95 29.10
CA VAL B 101 14.40 10.45 29.13
C VAL B 101 15.39 9.40 29.61
N VAL B 102 16.53 9.34 28.90
CA VAL B 102 17.60 8.41 29.22
C VAL B 102 18.64 9.11 30.10
N VAL B 103 18.87 8.50 31.28
CA VAL B 103 19.97 8.82 32.21
C VAL B 103 21.36 8.58 31.57
N GLY B 104 21.85 9.53 30.73
CA GLY B 104 23.02 9.33 29.90
C GLY B 104 22.73 9.60 28.42
N THR B 105 23.03 8.62 27.55
CA THR B 105 22.90 8.70 26.08
C THR B 105 22.57 7.29 25.55
N ASP B 106 21.78 7.16 24.46
CA ASP B 106 21.42 5.84 23.94
C ASP B 106 21.88 5.67 22.47
N ASP B 107 22.53 4.51 22.22
CA ASP B 107 23.13 4.19 20.92
C ASP B 107 22.20 3.30 20.09
N ALA B 108 21.03 2.91 20.64
CA ALA B 108 20.12 1.96 20.02
C ALA B 108 18.71 2.55 19.79
N THR B 109 18.62 3.89 19.85
CA THR B 109 17.48 4.71 19.47
C THR B 109 17.92 5.68 18.33
N THR B 110 17.01 5.98 17.37
CA THR B 110 17.24 7.01 16.35
C THR B 110 16.96 8.44 16.85
N THR B 111 17.12 8.65 18.18
CA THR B 111 17.07 9.93 18.86
C THR B 111 17.89 9.81 20.16
N THR B 112 18.69 10.83 20.52
CA THR B 112 19.68 10.72 21.59
C THR B 112 19.41 11.79 22.69
N CYS B 113 18.13 12.07 22.99
CA CYS B 113 17.71 12.65 24.26
C CYS B 113 16.97 11.60 25.11
N CYS B 114 16.24 10.73 24.38
CA CYS B 114 15.03 10.09 24.84
C CYS B 114 14.91 8.71 24.16
N ARG B 115 14.46 7.70 24.92
CA ARG B 115 14.15 6.36 24.42
C ARG B 115 12.64 6.19 24.19
N ARG B 116 12.28 5.63 23.03
CA ARG B 116 10.94 5.13 22.77
C ARG B 116 10.80 3.66 23.11
N SER B 117 9.68 3.34 23.76
CA SER B 117 9.24 2.00 24.05
C SER B 117 7.88 1.81 23.41
N TYR B 118 7.56 0.57 23.05
CA TYR B 118 6.42 0.23 22.21
C TYR B 118 5.65 -0.91 22.85
N ALA B 119 4.33 -0.89 22.65
CA ALA B 119 3.43 -1.99 22.99
C ALA B 119 2.45 -2.21 21.82
N ALA B 120 1.97 -3.43 21.69
CA ALA B 120 1.02 -3.86 20.71
C ALA B 120 -0.32 -3.19 20.98
N SER B 121 -0.94 -2.66 19.91
CA SER B 121 -2.36 -2.31 19.91
C SER B 121 -3.18 -3.58 19.79
N PRO B 122 -4.44 -3.60 20.25
CA PRO B 122 -5.35 -4.76 20.09
C PRO B 122 -5.35 -5.45 18.73
N VAL B 123 -5.29 -4.65 17.66
CA VAL B 123 -5.37 -5.15 16.29
C VAL B 123 -4.20 -6.13 16.04
N CYS B 124 -3.08 -5.99 16.78
CA CYS B 124 -1.90 -6.79 16.48
C CYS B 124 -2.11 -8.27 16.79
N LYS B 125 -3.18 -8.64 17.54
CA LYS B 125 -3.41 -10.05 17.86
C LYS B 125 -3.71 -10.85 16.60
N TRP B 126 -4.19 -10.18 15.56
CA TRP B 126 -4.46 -10.75 14.26
C TRP B 126 -3.19 -11.13 13.52
N PHE B 127 -2.01 -10.74 14.02
CA PHE B 127 -0.76 -11.10 13.40
C PHE B 127 0.02 -12.15 14.16
N ALA B 128 -0.61 -12.82 15.17
CA ALA B 128 0.06 -13.81 16.04
C ALA B 128 0.35 -15.07 15.25
N ARG B 129 1.54 -15.69 15.45
CA ARG B 129 2.00 -16.96 14.84
C ARG B 129 1.46 -18.18 15.59
N ASN B 130 1.14 -18.01 16.88
CA ASN B 130 0.55 -19.04 17.73
C ASN B 130 -0.56 -18.42 18.61
N GLY B 131 -1.13 -19.19 19.55
CA GLY B 131 -2.10 -18.67 20.52
C GLY B 131 -3.25 -19.64 20.75
N VAL B 132 -4.31 -19.51 19.95
CA VAL B 132 -5.15 -20.64 19.53
C VAL B 132 -5.29 -20.57 18.01
N GLU B 133 -4.49 -19.68 17.38
CA GLU B 133 -4.39 -19.47 15.94
C GLU B 133 -5.72 -18.99 15.35
N ASP B 134 -6.52 -18.24 16.15
CA ASP B 134 -7.52 -17.33 15.59
C ASP B 134 -6.78 -16.01 15.28
N SER B 135 -5.81 -16.09 14.35
CA SER B 135 -5.10 -15.04 13.65
C SER B 135 -5.34 -15.05 12.12
N VAL B 136 -5.01 -13.93 11.40
CA VAL B 136 -5.11 -13.87 9.94
C VAL B 136 -3.70 -13.77 9.30
N LEU B 137 -2.70 -14.27 10.01
CA LEU B 137 -1.33 -14.13 9.58
C LEU B 137 -1.16 -14.94 8.31
N PRO B 138 -1.57 -16.24 8.23
CA PRO B 138 -1.42 -17.03 7.00
C PRO B 138 -2.01 -16.33 5.79
N LEU B 139 -3.18 -15.74 5.93
CA LEU B 139 -3.84 -14.99 4.85
C LEU B 139 -3.03 -13.73 4.57
N GLY B 140 -2.51 -13.05 5.62
CA GLY B 140 -1.60 -11.91 5.44
C GLY B 140 -0.31 -12.21 4.67
N MET B 141 0.35 -13.36 4.89
N MET B 141 0.28 -13.40 4.94
CA MET B 141 1.58 -13.60 4.14
CA MET B 141 1.47 -13.91 4.25
C MET B 141 1.23 -14.02 2.69
C MET B 141 1.18 -13.95 2.74
N MET B 142 -0.02 -14.40 2.40
CA MET B 142 -0.43 -14.57 1.00
C MET B 142 -0.69 -13.20 0.35
N ILE B 143 -1.47 -12.37 1.00
CA ILE B 143 -1.75 -10.99 0.54
C ILE B 143 -0.42 -10.28 0.20
N LEU B 144 0.63 -10.42 1.02
CA LEU B 144 1.88 -9.65 0.89
C LEU B 144 3.00 -10.46 0.29
N ASN B 145 2.62 -11.59 -0.34
CA ASN B 145 3.53 -12.45 -1.06
C ASN B 145 4.00 -11.72 -2.31
N LYS B 146 5.31 -11.71 -2.61
CA LYS B 146 5.86 -10.91 -3.69
C LYS B 146 5.33 -11.38 -5.03
N THR B 147 5.14 -12.68 -5.19
CA THR B 147 4.74 -13.26 -6.47
C THR B 147 3.35 -12.72 -6.82
N PHE B 148 2.43 -12.75 -5.85
CA PHE B 148 1.09 -12.18 -6.00
C PHE B 148 1.11 -10.65 -6.12
N LEU B 149 1.97 -9.98 -5.35
CA LEU B 149 2.05 -8.52 -5.35
C LEU B 149 2.51 -8.02 -6.69
N ASP B 150 3.51 -8.67 -7.30
CA ASP B 150 4.04 -8.21 -8.57
C ASP B 150 2.95 -8.14 -9.64
N SER B 151 1.86 -8.95 -9.58
CA SER B 151 0.77 -8.85 -10.57
C SER B 151 0.13 -7.44 -10.61
N TRP B 152 0.11 -6.77 -9.43
CA TRP B 152 -0.55 -5.48 -9.26
C TRP B 152 0.11 -4.34 -10.04
N GLN B 153 1.40 -4.53 -10.43
CA GLN B 153 2.14 -3.65 -11.34
C GLN B 153 1.72 -3.77 -12.81
N ASN B 154 1.02 -4.83 -13.22
CA ASN B 154 0.65 -5.03 -14.61
C ASN B 154 -0.84 -4.91 -14.85
N ILE B 155 -1.52 -4.11 -14.03
CA ILE B 155 -2.95 -3.97 -14.18
C ILE B 155 -3.26 -3.29 -15.52
N THR B 156 -2.56 -2.21 -15.85
CA THR B 156 -2.85 -1.35 -16.99
C THR B 156 -2.88 -2.19 -18.26
N ASP B 157 -1.79 -2.95 -18.50
CA ASP B 157 -1.70 -3.73 -19.74
C ASP B 157 -2.77 -4.80 -19.80
N ALA B 158 -3.02 -5.47 -18.66
CA ALA B 158 -4.04 -6.51 -18.61
C ALA B 158 -5.42 -5.95 -18.87
N VAL B 159 -5.75 -4.73 -18.38
CA VAL B 159 -7.05 -4.08 -18.70
C VAL B 159 -7.23 -3.87 -20.22
N LEU B 160 -6.22 -3.31 -20.87
CA LEU B 160 -6.17 -3.10 -22.32
C LEU B 160 -6.38 -4.41 -23.14
N GLU B 161 -5.81 -5.54 -22.68
CA GLU B 161 -6.00 -6.84 -23.31
C GLU B 161 -7.25 -7.54 -22.85
N GLY B 162 -7.93 -6.96 -21.86
CA GLY B 162 -9.08 -7.63 -21.26
C GLY B 162 -8.71 -8.94 -20.59
N ALA B 163 -7.54 -8.98 -19.96
CA ALA B 163 -7.03 -10.16 -19.29
C ALA B 163 -6.84 -9.88 -17.78
N ALA B 164 -6.68 -10.98 -17.05
CA ALA B 164 -6.24 -11.04 -15.67
C ALA B 164 -4.81 -10.57 -15.57
N PRO B 165 -4.52 -9.50 -14.80
CA PRO B 165 -3.14 -9.10 -14.52
C PRO B 165 -2.19 -10.26 -14.18
N PHE B 166 -2.61 -11.20 -13.34
CA PHE B 166 -1.75 -12.35 -12.94
C PHE B 166 -1.29 -13.16 -14.18
N GLU B 167 -2.23 -13.44 -15.09
N GLU B 167 -2.24 -13.45 -15.07
CA GLU B 167 -1.98 -14.21 -16.28
CA GLU B 167 -2.04 -14.20 -16.31
C GLU B 167 -1.15 -13.39 -17.26
C GLU B 167 -1.17 -13.39 -17.28
N LYS B 168 -1.32 -12.06 -17.31
CA LYS B 168 -0.41 -11.21 -18.09
C LYS B 168 0.98 -11.15 -17.45
N THR B 169 1.11 -11.33 -16.14
CA THR B 169 2.41 -11.37 -15.52
C THR B 169 3.07 -12.73 -15.72
N TYR B 170 2.34 -13.85 -15.56
CA TYR B 170 2.99 -15.16 -15.48
C TYR B 170 2.64 -16.08 -16.67
N GLY B 171 1.77 -15.64 -17.61
CA GLY B 171 1.46 -16.39 -18.83
C GLY B 171 0.52 -17.60 -18.68
N MET B 172 0.03 -17.90 -17.47
CA MET B 172 -1.03 -18.89 -17.26
C MET B 172 -1.93 -18.45 -16.11
N PRO B 173 -3.13 -19.05 -15.95
CA PRO B 173 -3.97 -18.77 -14.79
C PRO B 173 -3.29 -19.09 -13.47
N MET B 174 -3.79 -18.45 -12.40
CA MET B 174 -3.23 -18.61 -11.06
C MET B 174 -3.18 -20.07 -10.55
N PHE B 175 -4.29 -20.81 -10.66
CA PHE B 175 -4.38 -22.19 -10.17
C PHE B 175 -3.44 -23.12 -10.92
N GLU B 176 -3.30 -22.94 -12.23
CA GLU B 176 -2.27 -23.62 -13.00
C GLU B 176 -0.89 -23.22 -12.49
N TYR B 177 -0.62 -21.94 -12.19
CA TYR B 177 0.73 -21.49 -11.83
C TYR B 177 1.19 -22.14 -10.52
N LEU B 178 0.24 -22.35 -9.61
CA LEU B 178 0.52 -22.97 -8.33
C LEU B 178 1.17 -24.35 -8.54
N SER B 179 0.68 -25.08 -9.56
N SER B 179 0.69 -25.07 -9.58
CA SER B 179 1.16 -26.41 -9.91
CA SER B 179 1.15 -26.41 -9.95
C SER B 179 2.66 -26.43 -10.22
C SER B 179 2.64 -26.44 -10.28
N THR B 180 3.25 -25.27 -10.56
CA THR B 180 4.64 -25.14 -10.97
C THR B 180 5.49 -24.45 -9.89
N ASN B 181 4.97 -24.35 -8.65
CA ASN B 181 5.57 -23.45 -7.67
C ASN B 181 5.06 -23.88 -6.30
N GLY B 182 5.83 -24.80 -5.69
CA GLY B 182 5.37 -25.53 -4.53
C GLY B 182 5.30 -24.63 -3.33
N PRO B 183 6.36 -23.83 -3.06
CA PRO B 183 6.33 -22.82 -2.00
C PRO B 183 5.16 -21.83 -2.08
N LEU B 184 4.88 -21.23 -3.25
CA LEU B 184 3.71 -20.37 -3.38
C LEU B 184 2.44 -21.18 -3.17
N ASN B 185 2.41 -22.42 -3.68
CA ASN B 185 1.23 -23.29 -3.56
C ASN B 185 0.94 -23.57 -2.09
N THR B 186 1.99 -23.76 -1.26
CA THR B 186 1.85 -23.90 0.21
C THR B 186 1.29 -22.63 0.91
N VAL B 187 1.92 -21.48 0.66
CA VAL B 187 1.42 -20.17 1.13
C VAL B 187 -0.07 -20.00 0.77
N PHE B 188 -0.43 -20.29 -0.47
CA PHE B 188 -1.82 -20.17 -0.91
C PHE B 188 -2.72 -21.10 -0.09
N HIS B 189 -2.38 -22.41 0.00
CA HIS B 189 -3.22 -23.40 0.71
C HIS B 189 -3.34 -23.12 2.21
N GLU B 190 -2.28 -22.61 2.87
CA GLU B 190 -2.37 -22.27 4.28
C GLU B 190 -3.22 -21.04 4.51
N ALA B 191 -3.22 -20.13 3.54
CA ALA B 191 -4.05 -18.94 3.65
C ALA B 191 -5.49 -19.38 3.56
N MET B 192 -5.82 -20.19 2.54
CA MET B 192 -7.20 -20.62 2.33
C MET B 192 -7.74 -21.43 3.50
N ALA B 193 -6.88 -22.26 4.07
CA ALA B 193 -7.20 -23.08 5.24
C ALA B 193 -7.35 -22.23 6.48
N ASN B 194 -6.47 -21.26 6.68
CA ASN B 194 -6.60 -20.30 7.77
C ASN B 194 -7.97 -19.62 7.70
N HIS B 195 -8.32 -19.04 6.53
CA HIS B 195 -9.59 -18.35 6.34
C HIS B 195 -10.79 -19.27 6.55
N SER B 196 -10.77 -20.44 5.91
CA SER B 196 -11.85 -21.42 6.04
C SER B 196 -12.05 -21.86 7.50
N MET B 197 -10.95 -22.06 8.25
CA MET B 197 -11.02 -22.36 9.69
C MET B 197 -11.81 -21.33 10.48
N ILE B 198 -11.43 -20.06 10.35
CA ILE B 198 -12.06 -18.99 11.09
C ILE B 198 -13.52 -18.81 10.65
N ILE B 199 -13.82 -18.89 9.35
CA ILE B 199 -15.18 -18.67 8.89
C ILE B 199 -16.08 -19.82 9.34
N THR B 200 -15.58 -21.04 9.33
CA THR B 200 -16.30 -22.23 9.74
C THR B 200 -16.60 -22.13 11.22
N LYS B 201 -15.64 -21.83 12.06
CA LYS B 201 -15.98 -21.60 13.47
C LYS B 201 -17.05 -20.52 13.62
N LYS B 202 -16.95 -19.39 12.92
CA LYS B 202 -17.92 -18.29 13.08
C LYS B 202 -19.27 -18.65 12.50
N LEU B 203 -19.27 -19.41 11.42
CA LEU B 203 -20.46 -19.98 10.81
C LEU B 203 -21.18 -20.90 11.80
N LEU B 204 -20.45 -21.78 12.49
CA LEU B 204 -21.07 -22.63 13.50
C LEU B 204 -21.58 -21.82 14.72
N LYS B 205 -20.94 -20.72 15.09
CA LYS B 205 -21.47 -19.85 16.13
C LYS B 205 -22.74 -19.11 15.70
N PHE B 206 -22.86 -18.64 14.46
CA PHE B 206 -23.90 -17.64 14.14
C PHE B 206 -24.94 -18.13 13.16
N PHE B 207 -24.65 -19.18 12.40
CA PHE B 207 -25.53 -19.59 11.31
C PHE B 207 -26.37 -20.79 11.69
N ARG B 208 -27.68 -20.77 11.35
CA ARG B 208 -28.58 -21.83 11.77
C ARG B 208 -29.09 -22.66 10.57
N GLY B 209 -28.51 -22.54 9.41
CA GLY B 209 -29.10 -23.16 8.22
C GLY B 209 -28.56 -24.54 7.95
N PHE B 210 -27.70 -25.09 8.80
CA PHE B 210 -27.36 -26.49 8.78
C PHE B 210 -28.40 -27.33 9.53
N GLU B 211 -29.13 -26.79 10.50
CA GLU B 211 -30.14 -27.56 11.24
C GLU B 211 -31.04 -28.35 10.28
N GLY B 212 -31.26 -29.64 10.59
CA GLY B 212 -32.23 -30.45 9.82
C GLY B 212 -31.72 -31.04 8.51
N LEU B 213 -30.53 -30.67 8.07
CA LEU B 213 -30.00 -31.18 6.80
C LEU B 213 -29.54 -32.64 6.96
N ASP B 214 -29.88 -33.49 5.98
CA ASP B 214 -29.50 -34.88 6.03
C ASP B 214 -28.09 -34.96 5.43
N VAL B 215 -27.97 -34.36 4.23
CA VAL B 215 -26.78 -34.43 3.41
C VAL B 215 -26.36 -33.03 2.92
N LEU B 216 -25.16 -32.62 3.36
CA LEU B 216 -24.47 -31.41 2.89
C LEU B 216 -23.36 -31.76 1.90
N VAL B 217 -23.47 -31.26 0.66
CA VAL B 217 -22.41 -31.29 -0.32
C VAL B 217 -21.52 -30.04 -0.22
N ASP B 218 -20.26 -30.18 0.20
CA ASP B 218 -19.26 -29.12 0.22
C ASP B 218 -18.45 -29.20 -1.06
N VAL B 219 -18.82 -28.35 -2.06
CA VAL B 219 -18.13 -28.21 -3.34
C VAL B 219 -16.84 -27.38 -3.16
N GLY B 220 -15.67 -27.99 -3.37
CA GLY B 220 -14.37 -27.40 -3.04
C GLY B 220 -13.99 -27.73 -1.61
N GLY B 221 -14.35 -28.94 -1.14
CA GLY B 221 -14.27 -29.25 0.27
C GLY B 221 -12.87 -29.56 0.77
N GLY B 222 -11.89 -29.63 -0.15
CA GLY B 222 -10.50 -29.87 0.24
C GLY B 222 -10.37 -31.26 0.81
N ASN B 223 -9.74 -31.36 1.98
CA ASN B 223 -9.53 -32.62 2.67
C ASN B 223 -10.79 -33.07 3.44
N GLY B 224 -11.85 -32.21 3.50
CA GLY B 224 -13.14 -32.48 4.13
C GLY B 224 -13.25 -31.97 5.56
N THR B 225 -12.29 -31.14 6.00
CA THR B 225 -12.23 -30.60 7.36
C THR B 225 -13.49 -29.76 7.66
N THR B 226 -14.00 -28.95 6.69
CA THR B 226 -15.20 -28.15 6.93
C THR B 226 -16.38 -29.08 7.25
N LEU B 227 -16.56 -30.14 6.48
CA LEU B 227 -17.63 -31.10 6.79
C LEU B 227 -17.43 -31.77 8.16
N GLN B 228 -16.20 -32.19 8.46
CA GLN B 228 -15.89 -32.76 9.77
C GLN B 228 -16.38 -31.80 10.84
N MET B 229 -15.94 -30.53 10.80
CA MET B 229 -16.24 -29.60 11.89
C MET B 229 -17.74 -29.33 12.02
N ILE B 230 -18.44 -29.31 10.86
CA ILE B 230 -19.86 -29.10 10.82
C ILE B 230 -20.58 -30.31 11.45
N ARG B 231 -20.14 -31.51 11.08
CA ARG B 231 -20.65 -32.77 11.61
C ARG B 231 -20.34 -32.89 13.11
N GLY B 232 -19.22 -32.38 13.58
CA GLY B 232 -18.96 -32.30 15.01
C GLY B 232 -20.15 -31.71 15.75
N GLN B 233 -20.95 -30.84 15.08
CA GLN B 233 -22.04 -30.14 15.74
C GLN B 233 -23.41 -30.68 15.35
N TYR B 234 -23.55 -31.23 14.14
CA TYR B 234 -24.76 -31.86 13.61
C TYR B 234 -24.44 -33.32 13.31
N LYS B 235 -24.41 -34.14 14.40
CA LYS B 235 -23.90 -35.52 14.40
C LYS B 235 -24.66 -36.45 13.44
N ASN B 236 -25.94 -36.18 13.23
CA ASN B 236 -26.82 -36.94 12.34
C ASN B 236 -26.65 -36.53 10.89
N MET B 237 -25.89 -35.43 10.65
CA MET B 237 -25.73 -34.95 9.29
C MET B 237 -24.59 -35.76 8.62
N ARG B 238 -24.81 -36.14 7.37
CA ARG B 238 -23.79 -36.72 6.53
C ARG B 238 -23.36 -35.73 5.43
N GLY B 239 -22.10 -35.86 4.97
CA GLY B 239 -21.46 -34.90 4.08
C GLY B 239 -20.96 -35.58 2.83
N ILE B 240 -20.95 -34.85 1.74
CA ILE B 240 -20.20 -35.20 0.55
C ILE B 240 -19.18 -34.09 0.23
N ASN B 241 -17.89 -34.38 0.47
CA ASN B 241 -16.71 -33.62 0.12
C ASN B 241 -16.44 -33.76 -1.37
N TYR B 242 -17.00 -32.87 -2.18
CA TYR B 242 -16.81 -32.86 -3.61
C TYR B 242 -15.69 -31.87 -3.98
N ASP B 243 -14.68 -32.36 -4.67
CA ASP B 243 -13.49 -31.60 -5.05
C ASP B 243 -12.79 -32.35 -6.19
N LEU B 244 -11.80 -31.71 -6.80
CA LEU B 244 -11.14 -32.24 -7.99
C LEU B 244 -10.49 -33.59 -7.66
N PRO B 245 -10.42 -34.52 -8.64
CA PRO B 245 -9.88 -35.86 -8.35
C PRO B 245 -8.49 -35.79 -7.73
N HIS B 246 -7.62 -34.82 -8.10
CA HIS B 246 -6.30 -34.79 -7.47
C HIS B 246 -6.34 -34.35 -6.00
N VAL B 247 -7.33 -33.50 -5.63
CA VAL B 247 -7.47 -33.00 -4.26
C VAL B 247 -8.04 -34.10 -3.39
N ILE B 248 -9.06 -34.80 -3.97
CA ILE B 248 -9.56 -36.07 -3.44
C ILE B 248 -8.55 -37.15 -3.82
N ALA B 249 -7.91 -37.80 -2.85
CA ALA B 249 -6.68 -38.57 -3.13
C ALA B 249 -5.71 -38.26 -2.03
N GLN B 250 -5.60 -36.95 -1.74
CA GLN B 250 -4.77 -36.47 -0.65
C GLN B 250 -5.53 -36.53 0.69
N ALA B 251 -6.86 -36.82 0.66
CA ALA B 251 -7.73 -36.71 1.82
C ALA B 251 -7.78 -38.02 2.62
N ALA B 252 -7.28 -38.01 3.87
CA ALA B 252 -7.67 -38.96 4.91
C ALA B 252 -9.19 -39.16 5.03
N PRO B 253 -9.66 -40.42 5.26
CA PRO B 253 -11.06 -40.69 5.60
C PRO B 253 -11.66 -39.85 6.73
N VAL B 254 -12.94 -39.46 6.55
CA VAL B 254 -13.63 -38.63 7.51
C VAL B 254 -14.90 -39.35 7.90
N GLU B 255 -15.10 -39.61 9.21
CA GLU B 255 -16.31 -40.29 9.63
C GLU B 255 -17.49 -39.47 9.11
N GLY B 256 -18.37 -40.14 8.37
CA GLY B 256 -19.67 -39.62 8.03
C GLY B 256 -19.67 -38.93 6.67
N VAL B 257 -18.48 -38.86 6.05
CA VAL B 257 -18.26 -38.02 4.86
C VAL B 257 -17.70 -38.90 3.76
N GLU B 258 -18.40 -38.94 2.61
CA GLU B 258 -17.89 -39.52 1.39
C GLU B 258 -17.16 -38.45 0.55
N HIS B 259 -15.87 -38.71 0.30
CA HIS B 259 -15.04 -38.02 -0.67
C HIS B 259 -15.39 -38.44 -2.09
N VAL B 260 -15.83 -37.48 -2.95
CA VAL B 260 -16.20 -37.75 -4.34
C VAL B 260 -15.35 -36.82 -5.21
N GLY B 261 -14.81 -37.35 -6.33
CA GLY B 261 -13.99 -36.60 -7.25
C GLY B 261 -14.80 -36.17 -8.43
N GLY B 262 -14.53 -34.95 -8.93
CA GLY B 262 -15.27 -34.47 -10.08
C GLY B 262 -15.00 -32.98 -10.27
N SER B 263 -15.53 -32.48 -11.39
CA SER B 263 -15.63 -31.09 -11.73
C SER B 263 -17.07 -30.63 -11.51
N MET B 264 -17.21 -29.45 -10.84
CA MET B 264 -18.52 -28.85 -10.54
C MET B 264 -19.19 -28.40 -11.82
N PHE B 265 -18.40 -28.37 -12.92
CA PHE B 265 -18.91 -27.94 -14.23
C PHE B 265 -19.65 -29.05 -15.01
N ASP B 266 -19.35 -30.31 -14.67
CA ASP B 266 -20.00 -31.51 -15.23
C ASP B 266 -21.31 -31.79 -14.46
N ASN B 267 -21.15 -31.82 -13.13
CA ASN B 267 -22.03 -32.44 -12.16
C ASN B 267 -21.68 -32.01 -10.71
N ILE B 268 -22.73 -31.92 -9.87
CA ILE B 268 -22.53 -31.85 -8.41
C ILE B 268 -23.30 -33.04 -7.79
N PRO B 269 -22.75 -33.81 -6.83
CA PRO B 269 -23.53 -34.80 -6.10
C PRO B 269 -24.85 -34.25 -5.55
N ARG B 270 -25.86 -35.12 -5.38
CA ARG B 270 -27.17 -34.80 -4.84
C ARG B 270 -27.12 -34.67 -3.34
N GLY B 271 -27.88 -33.72 -2.79
CA GLY B 271 -27.96 -33.55 -1.35
C GLY B 271 -29.10 -32.60 -1.00
N ASN B 272 -29.31 -32.30 0.27
CA ASN B 272 -30.32 -31.39 0.77
C ASN B 272 -29.85 -29.93 0.64
N ALA B 273 -28.53 -29.70 0.74
CA ALA B 273 -27.93 -28.39 0.55
C ALA B 273 -26.56 -28.57 -0.10
N VAL B 274 -26.15 -27.54 -0.88
CA VAL B 274 -24.83 -27.40 -1.44
C VAL B 274 -24.12 -26.20 -0.79
N LEU B 275 -22.89 -26.36 -0.26
CA LEU B 275 -22.04 -25.29 0.25
C LEU B 275 -21.00 -24.89 -0.79
N LEU B 276 -21.05 -23.58 -1.19
CA LEU B 276 -20.07 -22.90 -2.02
C LEU B 276 -19.38 -21.82 -1.18
N LYS B 277 -18.20 -22.13 -0.65
CA LYS B 277 -17.39 -21.16 0.09
C LYS B 277 -16.30 -20.56 -0.80
N TRP B 278 -16.39 -19.27 -1.18
CA TRP B 278 -15.31 -18.60 -1.87
C TRP B 278 -15.02 -19.32 -3.21
N ILE B 279 -16.11 -19.71 -3.94
CA ILE B 279 -16.09 -20.39 -5.22
C ILE B 279 -16.56 -19.42 -6.29
N LEU B 280 -17.81 -18.87 -6.19
CA LEU B 280 -18.38 -18.08 -7.26
C LEU B 280 -17.55 -16.82 -7.52
N HIS B 281 -16.76 -16.35 -6.53
CA HIS B 281 -16.05 -15.06 -6.74
C HIS B 281 -14.85 -15.24 -7.65
N ASP B 282 -14.43 -16.49 -7.87
CA ASP B 282 -13.37 -16.82 -8.83
C ASP B 282 -13.81 -16.70 -10.28
N TRP B 283 -15.16 -16.63 -10.56
CA TRP B 283 -15.75 -16.92 -11.88
C TRP B 283 -16.64 -15.78 -12.35
N ASP B 284 -16.81 -15.67 -13.67
CA ASP B 284 -17.68 -14.67 -14.28
C ASP B 284 -19.08 -15.23 -14.24
N ASP B 285 -20.05 -14.39 -14.62
CA ASP B 285 -21.45 -14.71 -14.49
C ASP B 285 -21.79 -16.02 -15.20
N LYS B 286 -21.32 -16.23 -16.45
CA LYS B 286 -21.69 -17.38 -17.24
C LYS B 286 -21.22 -18.64 -16.53
N ALA B 287 -19.98 -18.63 -16.02
CA ALA B 287 -19.49 -19.77 -15.27
C ALA B 287 -20.32 -19.96 -14.00
N CYS B 288 -20.68 -18.86 -13.27
CA CYS B 288 -21.46 -18.91 -12.01
C CYS B 288 -22.87 -19.47 -12.26
N ILE B 289 -23.50 -19.09 -13.38
CA ILE B 289 -24.81 -19.66 -13.77
C ILE B 289 -24.73 -21.15 -14.10
N LYS B 290 -23.62 -21.61 -14.73
CA LYS B 290 -23.36 -23.05 -14.90
C LYS B 290 -23.22 -23.82 -13.61
N ILE B 291 -22.40 -23.33 -12.66
CA ILE B 291 -22.25 -23.94 -11.31
C ILE B 291 -23.60 -23.98 -10.61
N LEU B 292 -24.36 -22.89 -10.63
CA LEU B 292 -25.65 -22.83 -9.94
C LEU B 292 -26.71 -23.74 -10.59
N LYS B 293 -26.75 -23.85 -11.93
CA LYS B 293 -27.66 -24.79 -12.64
C LYS B 293 -27.40 -26.23 -12.23
N ASN B 294 -26.13 -26.60 -12.05
CA ASN B 294 -25.77 -27.92 -11.56
C ASN B 294 -26.17 -28.11 -10.10
N CYS B 295 -26.05 -27.05 -9.29
CA CYS B 295 -26.53 -27.00 -7.91
C CYS B 295 -28.03 -27.28 -7.91
N TYR B 296 -28.78 -26.61 -8.80
CA TYR B 296 -30.21 -26.75 -8.95
C TYR B 296 -30.54 -28.23 -9.18
N THR B 297 -30.04 -28.79 -10.30
CA THR B 297 -30.38 -30.16 -10.73
C THR B 297 -30.00 -31.15 -9.63
N ALA B 298 -28.95 -30.90 -8.87
CA ALA B 298 -28.56 -31.80 -7.81
C ALA B 298 -29.40 -31.76 -6.51
N LEU B 299 -30.15 -30.68 -6.27
CA LEU B 299 -30.95 -30.54 -5.03
C LEU B 299 -32.35 -31.13 -5.28
N HIS B 300 -33.04 -31.56 -4.21
CA HIS B 300 -34.50 -31.72 -4.29
C HIS B 300 -35.15 -30.37 -4.04
N VAL B 301 -36.45 -30.23 -4.35
CA VAL B 301 -37.30 -29.10 -3.95
C VAL B 301 -37.14 -28.89 -2.45
N ARG B 302 -37.17 -27.59 -2.03
CA ARG B 302 -36.84 -27.17 -0.65
C ARG B 302 -35.34 -27.35 -0.35
N GLY B 303 -34.51 -27.80 -1.30
CA GLY B 303 -33.07 -27.84 -1.07
C GLY B 303 -32.50 -26.46 -1.39
N LYS B 304 -31.35 -26.16 -0.82
CA LYS B 304 -30.78 -24.82 -0.94
C LYS B 304 -29.32 -24.89 -1.31
N VAL B 305 -28.83 -23.80 -1.89
CA VAL B 305 -27.41 -23.47 -2.01
C VAL B 305 -27.08 -22.51 -0.88
N ILE B 306 -25.95 -22.75 -0.20
CA ILE B 306 -25.42 -21.86 0.80
C ILE B 306 -24.12 -21.31 0.22
N VAL B 307 -24.15 -20.02 -0.11
CA VAL B 307 -23.04 -19.27 -0.68
C VAL B 307 -22.36 -18.51 0.46
N LEU B 308 -21.08 -18.76 0.70
CA LEU B 308 -20.26 -18.05 1.65
C LEU B 308 -19.31 -17.09 0.93
N GLU B 309 -19.62 -15.79 0.97
CA GLU B 309 -19.00 -14.79 0.13
C GLU B 309 -19.14 -13.45 0.86
N TYR B 310 -18.23 -12.51 0.58
CA TYR B 310 -18.50 -11.10 0.83
C TYR B 310 -19.57 -10.62 -0.12
N VAL B 311 -20.20 -9.49 0.24
CA VAL B 311 -21.27 -8.86 -0.52
C VAL B 311 -20.94 -7.38 -0.62
N VAL B 312 -20.75 -6.85 -1.83
CA VAL B 312 -20.37 -5.46 -1.97
C VAL B 312 -21.67 -4.67 -1.84
N PRO B 313 -21.64 -3.46 -1.21
CA PRO B 313 -22.82 -2.61 -1.22
C PRO B 313 -23.17 -2.23 -2.68
N ASP B 314 -24.42 -1.83 -2.89
N ASP B 314 -24.42 -1.84 -2.90
CA ASP B 314 -24.96 -1.33 -4.15
CA ASP B 314 -24.90 -1.25 -4.14
C ASP B 314 -24.32 -0.01 -4.63
C ASP B 314 -24.09 0.00 -4.56
N GLU B 315 -23.57 0.63 -3.75
N GLU B 315 -23.79 0.88 -3.59
CA GLU B 315 -22.91 1.87 -4.11
CA GLU B 315 -23.06 2.13 -3.82
C GLU B 315 -21.66 1.95 -3.23
C GLU B 315 -21.67 1.98 -3.19
N PRO B 316 -20.61 2.64 -3.72
CA PRO B 316 -19.34 2.57 -3.06
C PRO B 316 -19.23 3.41 -1.80
N GLU B 317 -19.63 2.88 -0.66
CA GLU B 317 -19.65 3.69 0.55
C GLU B 317 -18.23 3.82 1.09
N PRO B 318 -17.85 4.95 1.70
CA PRO B 318 -16.53 5.05 2.33
C PRO B 318 -16.49 4.57 3.77
N THR B 319 -16.78 3.29 3.97
CA THR B 319 -16.75 2.67 5.29
C THR B 319 -15.64 1.61 5.31
N LEU B 320 -15.32 1.10 6.49
CA LEU B 320 -14.27 0.13 6.60
C LEU B 320 -14.69 -1.15 5.90
N ALA B 321 -15.92 -1.61 6.16
CA ALA B 321 -16.45 -2.82 5.55
C ALA B 321 -16.47 -2.68 4.02
N ALA B 322 -17.08 -1.60 3.45
CA ALA B 322 -17.21 -1.46 2.02
C ALA B 322 -15.86 -1.44 1.34
N GLN B 323 -14.90 -0.76 1.92
CA GLN B 323 -13.54 -0.69 1.36
C GLN B 323 -12.88 -2.05 1.27
N GLY B 324 -13.06 -2.83 2.34
CA GLY B 324 -12.61 -4.19 2.38
C GLY B 324 -13.14 -5.06 1.27
N ALA B 325 -14.41 -4.93 1.04
CA ALA B 325 -15.13 -5.65 0.03
C ALA B 325 -14.63 -5.27 -1.37
N PHE B 326 -14.59 -3.99 -1.72
CA PHE B 326 -14.08 -3.55 -3.03
C PHE B 326 -12.59 -3.86 -3.20
N GLU B 327 -11.85 -3.92 -2.11
CA GLU B 327 -10.47 -4.32 -2.17
C GLU B 327 -10.35 -5.79 -2.55
N LEU B 328 -11.20 -6.65 -1.97
CA LEU B 328 -11.28 -8.03 -2.40
C LEU B 328 -11.73 -8.14 -3.86
N ASP B 329 -12.62 -7.27 -4.28
CA ASP B 329 -12.99 -7.22 -5.70
C ASP B 329 -11.75 -7.05 -6.58
N LEU B 330 -10.87 -6.09 -6.23
CA LEU B 330 -9.71 -5.79 -7.02
C LEU B 330 -8.73 -6.93 -6.97
N THR B 331 -8.66 -7.64 -5.85
CA THR B 331 -7.82 -8.82 -5.70
C THR B 331 -8.30 -9.91 -6.66
N MET B 332 -9.63 -10.02 -6.84
CA MET B 332 -10.18 -10.96 -7.80
C MET B 332 -9.87 -10.51 -9.24
N LEU B 333 -10.03 -9.22 -9.54
CA LEU B 333 -9.58 -8.63 -10.79
C LEU B 333 -8.16 -9.03 -11.12
N VAL B 334 -7.23 -8.75 -10.21
CA VAL B 334 -5.81 -9.06 -10.38
C VAL B 334 -5.55 -10.57 -10.55
N THR B 335 -6.31 -11.38 -9.79
CA THR B 335 -6.03 -12.81 -9.68
C THR B 335 -6.61 -13.55 -10.89
N PHE B 336 -7.84 -13.23 -11.30
CA PHE B 336 -8.68 -14.00 -12.19
C PHE B 336 -9.23 -13.11 -13.29
N GLY B 337 -9.13 -11.77 -13.21
CA GLY B 337 -9.71 -10.89 -14.24
C GLY B 337 -11.19 -10.71 -14.09
N SER B 338 -11.95 -11.75 -14.43
CA SER B 338 -13.41 -11.66 -14.54
C SER B 338 -14.13 -12.30 -13.35
N GLY B 339 -13.39 -13.01 -12.49
CA GLY B 339 -13.80 -13.16 -11.11
C GLY B 339 -13.94 -11.79 -10.42
N LYS B 340 -14.89 -11.73 -9.49
CA LYS B 340 -15.41 -10.46 -9.01
C LYS B 340 -16.13 -10.67 -7.69
N GLU B 341 -16.25 -9.60 -6.90
CA GLU B 341 -17.18 -9.61 -5.74
C GLU B 341 -18.53 -9.06 -6.21
N ARG B 342 -19.64 -9.59 -5.67
CA ARG B 342 -20.99 -9.23 -6.14
C ARG B 342 -21.85 -8.64 -5.03
N THR B 343 -22.80 -7.80 -5.42
CA THR B 343 -23.87 -7.37 -4.55
C THR B 343 -24.82 -8.55 -4.35
N GLN B 344 -25.68 -8.43 -3.34
CA GLN B 344 -26.82 -9.32 -3.08
C GLN B 344 -27.71 -9.42 -4.32
N ARG B 345 -28.07 -8.30 -4.95
CA ARG B 345 -28.90 -8.30 -6.17
C ARG B 345 -28.29 -9.19 -7.26
N GLU B 346 -26.98 -9.03 -7.52
CA GLU B 346 -26.27 -9.81 -8.49
C GLU B 346 -26.27 -11.30 -8.14
N PHE B 347 -26.00 -11.66 -6.88
CA PHE B 347 -26.07 -13.05 -6.46
C PHE B 347 -27.46 -13.64 -6.72
N SER B 348 -28.50 -12.87 -6.39
CA SER B 348 -29.90 -13.18 -6.64
C SER B 348 -30.22 -13.40 -8.10
N GLU B 349 -29.75 -12.50 -8.97
CA GLU B 349 -30.00 -12.59 -10.40
C GLU B 349 -29.40 -13.88 -10.88
N LEU B 350 -28.17 -14.23 -10.45
CA LEU B 350 -27.54 -15.47 -10.96
C LEU B 350 -28.38 -16.65 -10.49
N ALA B 351 -28.82 -16.65 -9.23
CA ALA B 351 -29.54 -17.79 -8.65
C ALA B 351 -30.86 -17.99 -9.39
N MET B 352 -31.52 -16.89 -9.77
CA MET B 352 -32.77 -16.89 -10.52
C MET B 352 -32.60 -17.33 -12.00
N GLU B 353 -31.56 -16.84 -12.67
CA GLU B 353 -31.20 -17.34 -13.97
C GLU B 353 -31.02 -18.85 -13.91
N ALA B 354 -30.53 -19.41 -12.82
CA ALA B 354 -30.23 -20.81 -12.70
C ALA B 354 -31.46 -21.64 -12.31
N GLY B 355 -32.62 -20.98 -12.13
CA GLY B 355 -33.89 -21.56 -11.74
C GLY B 355 -34.33 -21.46 -10.28
N PHE B 356 -33.47 -20.98 -9.34
CA PHE B 356 -33.86 -20.85 -7.92
C PHE B 356 -34.99 -19.82 -7.77
N SER B 357 -35.81 -20.02 -6.74
CA SER B 357 -37.01 -19.21 -6.50
C SER B 357 -36.69 -17.85 -5.82
N ARG B 358 -37.73 -17.02 -5.76
CA ARG B 358 -37.72 -15.65 -5.28
C ARG B 358 -37.88 -15.72 -3.77
N GLU B 359 -36.91 -16.38 -3.13
CA GLU B 359 -36.89 -16.63 -1.72
C GLU B 359 -35.43 -16.58 -1.27
N PHE B 360 -35.00 -15.46 -0.68
CA PHE B 360 -33.61 -15.11 -0.44
C PHE B 360 -33.34 -14.91 1.07
N LYS B 361 -32.34 -15.58 1.66
CA LYS B 361 -31.95 -15.33 3.03
C LYS B 361 -30.50 -14.91 3.06
N ALA B 362 -30.13 -13.98 4.00
CA ALA B 362 -28.77 -13.55 4.18
C ALA B 362 -28.45 -13.52 5.66
N THR B 363 -27.42 -14.25 6.09
CA THR B 363 -26.95 -14.22 7.48
C THR B 363 -25.50 -13.72 7.50
N TYR B 364 -25.21 -12.63 8.25
CA TYR B 364 -23.88 -12.06 8.41
C TYR B 364 -23.17 -13.03 9.32
N ILE B 365 -21.94 -13.42 8.93
CA ILE B 365 -21.07 -14.29 9.70
C ILE B 365 -19.95 -13.47 10.34
N PHE B 366 -18.90 -13.10 9.55
CA PHE B 366 -17.70 -12.49 10.15
C PHE B 366 -16.84 -12.00 9.02
N ALA B 367 -16.08 -10.90 9.31
CA ALA B 367 -15.02 -10.36 8.46
C ALA B 367 -15.56 -10.17 7.06
N ASN B 368 -16.78 -9.63 6.94
CA ASN B 368 -17.44 -9.27 5.69
C ASN B 368 -18.06 -10.46 4.94
N VAL B 369 -17.89 -11.70 5.46
CA VAL B 369 -18.48 -12.90 4.86
C VAL B 369 -19.93 -13.02 5.36
N TRP B 370 -20.86 -13.21 4.41
CA TRP B 370 -22.25 -13.58 4.62
C TRP B 370 -22.46 -14.99 4.13
N ALA B 371 -23.48 -15.68 4.68
CA ALA B 371 -24.00 -16.91 4.13
C ALA B 371 -25.33 -16.57 3.47
N LEU B 372 -25.35 -16.61 2.13
CA LEU B 372 -26.55 -16.33 1.37
C LEU B 372 -27.19 -17.67 0.99
N GLU B 373 -28.52 -17.77 1.12
CA GLU B 373 -29.22 -19.03 0.92
C GLU B 373 -30.26 -18.84 -0.15
N PHE B 374 -30.20 -19.72 -1.16
CA PHE B 374 -31.14 -19.76 -2.28
C PHE B 374 -31.84 -21.12 -2.27
N THR B 375 -33.16 -21.12 -2.58
CA THR B 375 -34.00 -22.31 -2.35
C THR B 375 -34.62 -22.72 -3.67
N LYS B 376 -34.58 -24.03 -3.97
CA LYS B 376 -35.11 -24.56 -5.26
C LYS B 376 -36.67 -24.55 -5.29
CAA 3RL C . 14.66 7.66 -3.68
OAM 3RL C . 15.54 8.62 -3.07
CAR 3RL C . 14.98 9.78 -2.61
CAJ 3RL C . 13.61 9.88 -2.32
CAL 3RL C . 15.84 10.86 -2.49
CAS 3RL C . 15.34 12.08 -2.01
OAN 3RL C . 16.18 13.17 -1.88
CAB 3RL C . 17.54 13.01 -2.31
CAK 3RL C . 13.97 12.20 -1.71
CAQ 3RL C . 13.10 11.11 -1.91
CAE 3RL C . 11.68 11.22 -1.59
CAD 3RL C . 10.70 10.32 -1.82
CAP 3RL C . 9.32 10.44 -1.34
CAH 3RL C . 8.53 9.32 -1.14
CAF 3RL C . 7.21 9.41 -0.72
CAO 3RL C . 6.63 10.66 -0.53
OAC 3RL C . 5.32 10.70 -0.08
CAG 3RL C . 7.39 11.82 -0.76
CAI 3RL C . 8.70 11.70 -1.18
PA NAD D . 31.70 12.73 -3.62
O1A NAD D . 31.52 11.62 -4.63
O2A NAD D . 32.08 14.10 -4.13
O5B NAD D . 30.34 12.83 -2.71
C5B NAD D . 29.50 11.66 -2.45
C4B NAD D . 28.08 11.96 -2.88
O4B NAD D . 27.67 13.25 -2.35
C3B NAD D . 27.87 12.05 -4.40
O3B NAD D . 27.58 10.75 -4.91
C2B NAD D . 26.69 13.04 -4.52
O2B NAD D . 25.47 12.34 -4.54
C1B NAD D . 26.87 13.95 -3.29
N9A NAD D . 27.48 15.26 -3.53
C8A NAD D . 28.75 15.71 -3.18
N7A NAD D . 28.97 16.98 -3.48
C5A NAD D . 27.81 17.36 -4.13
C6A NAD D . 27.41 18.60 -4.66
N6A NAD D . 28.18 19.68 -4.74
N1A NAD D . 26.14 18.68 -5.14
C2A NAD D . 25.35 17.60 -5.09
N3A NAD D . 25.63 16.39 -4.63
C4A NAD D . 26.87 16.34 -4.13
O3 NAD D . 32.77 12.21 -2.52
PN NAD D . 33.62 10.84 -2.39
O1N NAD D . 35.00 11.09 -2.92
O2N NAD D . 32.83 9.73 -3.01
O5D NAD D . 33.65 10.64 -0.79
C5D NAD D . 33.22 11.64 0.21
C4D NAD D . 34.40 12.40 0.79
O4D NAD D . 34.44 12.26 2.23
C3D NAD D . 35.82 11.98 0.37
O3D NAD D . 36.71 13.09 0.36
C2D NAD D . 36.21 10.89 1.39
O2D NAD D . 37.56 11.00 1.82
C1D NAD D . 35.27 11.16 2.58
N1N NAD D . 34.34 10.08 2.99
C2N NAD D . 33.26 10.48 3.73
C3N NAD D . 32.32 9.55 4.16
C7N NAD D . 31.30 10.29 4.96
O7N NAD D . 31.39 11.52 5.01
N7N NAD D . 30.40 9.62 5.68
C4N NAD D . 32.44 8.21 3.81
C5N NAD D . 33.53 7.81 3.05
C6N NAD D . 34.48 8.75 2.63
C1 GOL E . -6.27 2.90 2.52
O1 GOL E . -6.26 1.49 2.73
C2 GOL E . -5.11 3.48 1.69
O2 GOL E . -4.07 2.52 1.50
C3 GOL E . -4.55 4.81 2.25
O3 GOL E . -3.23 5.13 1.79
C1 GOL F . -18.89 7.37 -2.94
O1 GOL F . -20.03 7.04 -3.72
C2 GOL F . -18.14 8.59 -3.46
O2 GOL F . -19.00 9.58 -4.06
C3 GOL F . -17.28 9.29 -2.43
O3 GOL F . -16.29 10.11 -3.09
O1 PG4 G . -15.22 11.09 3.07
C1 PG4 G . -15.72 11.71 1.90
C2 PG4 G . -15.58 13.19 1.98
O2 PG4 G . -14.22 13.53 2.19
C3 PG4 G . -13.65 14.25 1.09
C4 PG4 G . -13.36 13.25 0.04
O3 PG4 G . -12.76 13.89 -1.09
C5 PG4 G . -11.39 14.21 -0.88
C6 PG4 G . -10.78 14.48 -2.22
O4 PG4 G . -9.96 15.64 -2.23
C7 PG4 G . -8.88 15.55 -1.28
C8 PG4 G . -8.51 16.84 -0.58
O5 PG4 G . -8.07 17.81 -1.53
C1 PEG H . -25.46 -9.87 14.02
O1 PEG H . -26.67 -10.24 14.76
C2 PEG H . -25.06 -8.38 14.10
O2 PEG H . -23.97 -8.08 13.22
C3 PEG H . -23.05 -7.08 13.68
C4 PEG H . -21.66 -7.36 13.16
O4 PEG H . -20.66 -7.45 14.19
C1 EDO I . 31.80 12.57 -13.17
O1 EDO I . 31.82 12.09 -14.49
C2 EDO I . 32.18 13.98 -12.87
O2 EDO I . 31.35 14.62 -11.82
C1 EDO J . 28.68 5.37 -9.74
O1 EDO J . 28.48 3.96 -10.13
C2 EDO J . 29.17 5.71 -8.35
O2 EDO J . 30.13 4.81 -7.78
C1 GOL K . -3.64 2.36 5.50
O1 GOL K . -3.96 0.97 5.40
C2 GOL K . -2.19 2.56 5.07
O2 GOL K . -2.08 2.23 3.70
C3 GOL K . -1.54 3.88 5.46
O3 GOL K . -1.76 5.04 4.62
CAA 3RL L . -10.48 -18.75 -4.19
OAM 3RL L . -10.60 -17.72 -3.23
CAR 3RL L . -9.59 -16.76 -3.12
CAJ 3RL L . -9.64 -15.85 -2.05
CAL 3RL L . -8.55 -16.70 -4.04
CAS 3RL L . -7.57 -15.73 -3.88
OAN 3RL L . -6.58 -15.75 -4.84
CAB 3RL L . -5.43 -14.93 -4.63
CAK 3RL L . -7.61 -14.78 -2.85
CAQ 3RL L . -8.66 -14.85 -1.93
CAE 3RL L . -8.68 -13.94 -0.77
CAD 3RL L . -7.78 -12.97 -0.50
CAP 3RL L . -7.97 -11.89 0.49
CAH 3RL L . -7.32 -10.65 0.31
CAF 3RL L . -7.43 -9.64 1.24
CAO 3RL L . -8.29 -9.80 2.34
OAC 3RL L . -8.44 -8.71 3.19
CAG 3RL L . -9.01 -10.99 2.50
CAI 3RL L . -8.82 -12.03 1.61
PA NAD M . -11.17 -28.78 -16.00
O1A NAD M . -11.15 -29.86 -17.04
O2A NAD M . -10.39 -29.08 -14.74
O5B NAD M . -12.70 -28.47 -15.62
C5B NAD M . -13.13 -28.50 -14.25
C4B NAD M . -13.07 -27.11 -13.66
O4B NAD M . -13.56 -27.20 -12.29
C3B NAD M . -11.69 -26.42 -13.59
O3B NAD M . -11.63 -25.28 -14.44
C2B NAD M . -11.50 -26.13 -12.09
O2B NAD M . -10.86 -24.89 -11.87
C1B NAD M . -12.93 -26.16 -11.57
N9A NAD M . -13.08 -26.39 -10.13
C8A NAD M . -12.58 -25.58 -9.14
N7A NAD M . -12.89 -25.99 -7.94
C5A NAD M . -13.64 -27.15 -8.12
C6A NAD M . -14.26 -28.08 -7.26
N6A NAD M . -14.24 -28.01 -5.94
N1A NAD M . -14.87 -29.15 -7.76
C2A NAD M . -14.94 -29.21 -9.05
N3A NAD M . -14.47 -28.41 -9.97
C4A NAD M . -13.77 -27.40 -9.48
O3 NAD M . -10.73 -27.36 -16.68
PN NAD M . -9.78 -26.86 -17.91
O1N NAD M . -8.64 -26.09 -17.35
O2N NAD M . -9.43 -28.05 -18.75
O5D NAD M . -10.72 -25.88 -18.81
C5D NAD M . -11.51 -24.76 -18.35
C4D NAD M . -12.97 -25.15 -18.37
O4D NAD M . -13.78 -24.09 -17.84
C3D NAD M . -13.64 -25.45 -19.73
O3D NAD M . -13.46 -26.75 -20.28
C2D NAD M . -15.13 -25.38 -19.35
O2D NAD M . -15.67 -26.69 -19.13
C1D NAD M . -15.11 -24.52 -18.06
N1N NAD M . -16.00 -23.36 -18.19
C2N NAD M . -15.56 -22.06 -18.26
C3N NAD M . -16.51 -21.03 -18.42
C7N NAD M . -16.22 -19.56 -18.50
O7N NAD M . -15.05 -19.15 -18.62
N7N NAD M . -17.26 -18.72 -18.49
C4N NAD M . -17.86 -21.35 -18.49
C5N NAD M . -18.26 -22.66 -18.44
C6N NAD M . -17.33 -23.66 -18.29
C1 GOL N . -0.14 5.04 19.18
O1 GOL N . -1.50 5.38 18.90
C2 GOL N . 0.56 6.17 19.90
O2 GOL N . 1.45 5.65 20.90
C3 GOL N . 1.32 7.12 18.97
O3 GOL N . 2.61 7.46 19.48
C1 EDO O . -7.62 21.42 -3.00
O1 EDO O . -6.80 21.07 -4.11
C2 EDO O . -8.87 22.09 -3.45
O2 EDO O . -8.61 23.17 -4.31
C1 EDO P . -6.84 3.15 16.67
O1 EDO P . -8.21 3.02 16.32
C2 EDO P . -6.10 1.92 16.23
O2 EDO P . -5.44 1.09 17.21
C1 GOL Q . -9.84 -6.83 2.16
O1 GOL Q . -10.92 -7.15 3.04
C2 GOL Q . -8.94 -5.66 2.63
O2 GOL Q . -9.21 -5.37 4.00
C3 GOL Q . -7.44 -5.82 2.39
O3 GOL Q . -6.77 -6.89 3.08
C1 GOL R . -3.76 -42.56 5.11
O1 GOL R . -4.58 -42.69 6.28
C2 GOL R . -4.47 -41.76 4.04
O2 GOL R . -5.60 -42.49 3.56
C3 GOL R . -3.59 -41.37 2.87
O3 GOL R . -4.34 -40.69 1.86
C1 GOL S . -2.62 -19.97 -21.50
O1 GOL S . -3.57 -19.15 -20.83
C2 GOL S . -1.89 -20.99 -20.62
O2 GOL S . -0.91 -20.31 -19.84
C3 GOL S . -2.79 -21.92 -19.79
O3 GOL S . -2.08 -22.80 -18.88
C1 GOL T . -28.35 -42.91 14.31
O1 GOL T . -29.69 -42.45 14.55
C2 GOL T . -27.74 -42.29 13.06
O2 GOL T . -27.39 -40.91 13.34
C3 GOL T . -26.52 -43.01 12.52
O3 GOL T . -26.66 -44.43 12.45
C1 EDO U . -18.29 -42.91 3.52
O1 EDO U . -19.35 -42.66 4.45
C2 EDO U . -18.59 -44.03 2.59
O2 EDO U . -18.44 -43.66 1.22
#